data_5NZH
#
_entry.id   5NZH
#
_cell.length_a   179.560
_cell.length_b   70.890
_cell.length_c   112.290
_cell.angle_alpha   90.00
_cell.angle_beta   123.54
_cell.angle_gamma   90.00
#
_symmetry.space_group_name_H-M   'C 1 2 1'
#
loop_
_entity.id
_entity.type
_entity.pdbx_description
1 polymer 'UDP-glucose pyrophosphorylase'
2 water water
#
_entity_poly.entity_id   1
_entity_poly.type   'polypeptide(L)'
_entity_poly.pdbx_seq_one_letter_code
;MENDMKSLSAAAQACVKKMRDAKVNEACIRTFIAQHVMVSKGETGSIPDSAIMPVDSLDALDSLTIECDNAVLQSTVVLK
LNGGLGTGMGLCDAKTLLEVKDGKTFLDFTALQVQYLRQHCSEHLRFMLMDSFNTSASTKSFLKARYPWLYQVFDSEVEL
MQNQVPKILQDTLEPAAWAENPAYEWAPPGHGDIYTALYGSGKLQELVEQGYRYMFVSNGDNLGATIDKRVLAYMEKEKI
DFLMEVCRRTESDKKGGHLARQTVYVKGKDGQPDAEKRVLLLRESAQCPKADMESFQDINKYSFFNTNNLWIRLPVLLET
MQEHGGTLPLPVIRNEKTVDSSNSASPKVYQLETAMGAAIAMFESASAIVVPRSRFAPVKTCADLLALRSDAYVVTDDFR
LWLDDRCHGHPPVVDLDSAHYKMMNGFEKLVQHGVPSLVECKRVTVKGLVQFGAGNVLTGTVTIENTDSASAFVIPDGAK
LNDTTASPQQSTNKMRPLEHHHHHH
;
_entity_poly.pdbx_strand_id   A,B
#
# COMPACT_ATOMS: atom_id res chain seq x y z
N LYS A 6 30.47 18.69 -25.55
CA LYS A 6 29.06 18.98 -25.79
C LYS A 6 28.44 20.17 -25.04
N SER A 7 27.65 20.86 -25.85
CA SER A 7 26.89 22.01 -25.52
C SER A 7 25.55 21.46 -25.24
N LEU A 8 25.04 21.71 -24.06
CA LEU A 8 23.75 21.29 -23.73
C LEU A 8 22.96 22.40 -23.10
N SER A 9 21.67 22.27 -23.15
CA SER A 9 20.77 23.24 -22.65
C SER A 9 20.73 23.40 -21.17
N ALA A 10 20.13 24.48 -20.74
CA ALA A 10 20.02 24.81 -19.37
C ALA A 10 19.37 23.74 -18.58
N ALA A 11 18.30 23.16 -19.08
CA ALA A 11 17.61 22.14 -18.31
C ALA A 11 18.47 20.89 -18.16
N ALA A 12 19.19 20.52 -19.22
CA ALA A 12 20.06 19.35 -19.17
C ALA A 12 21.23 19.58 -18.20
N GLN A 13 21.84 20.77 -18.24
CA GLN A 13 22.89 21.08 -17.28
C GLN A 13 22.37 21.08 -15.86
N ALA A 14 21.10 21.47 -15.67
CA ALA A 14 20.49 21.41 -14.35
C ALA A 14 20.34 19.96 -13.90
N CYS A 15 19.79 19.10 -14.76
CA CYS A 15 19.74 17.67 -14.46
C CYS A 15 21.12 17.11 -14.10
N VAL A 16 22.15 17.54 -14.84
CA VAL A 16 23.50 17.04 -14.60
C VAL A 16 23.98 17.46 -13.22
N LYS A 17 23.89 18.75 -12.91
CA LYS A 17 24.38 19.23 -11.62
C LYS A 17 23.62 18.60 -10.48
N LYS A 18 22.30 18.51 -10.61
CA LYS A 18 21.47 17.81 -9.64
C LYS A 18 21.99 16.40 -9.40
N MET A 19 22.15 15.62 -10.48
CA MET A 19 22.56 14.22 -10.33
C MET A 19 23.98 14.09 -9.81
N ARG A 20 24.83 15.07 -10.09
CA ARG A 20 26.19 15.02 -9.57
C ARG A 20 26.22 15.32 -8.08
N ASP A 21 25.54 16.40 -7.67
CA ASP A 21 25.44 16.76 -6.27
C ASP A 21 24.92 15.61 -5.43
N ALA A 22 24.11 14.72 -6.02
CA ALA A 22 23.56 13.58 -5.31
C ALA A 22 24.44 12.34 -5.39
N LYS A 23 25.62 12.43 -6.02
CA LYS A 23 26.55 11.30 -6.16
C LYS A 23 25.96 10.16 -6.98
N VAL A 24 25.05 10.48 -7.92
CA VAL A 24 24.64 9.51 -8.92
C VAL A 24 25.84 9.13 -9.78
N ASN A 25 26.08 7.83 -9.93
CA ASN A 25 27.24 7.38 -10.71
C ASN A 25 27.12 7.83 -12.16
N GLU A 26 28.25 7.74 -12.87
CA GLU A 26 28.38 8.46 -14.13
C GLU A 26 27.59 7.81 -15.27
N ALA A 27 27.55 6.48 -15.31
CA ALA A 27 26.80 5.81 -16.38
C ALA A 27 25.32 6.18 -16.34
N CYS A 28 24.78 6.36 -15.13
CA CYS A 28 23.37 6.75 -14.99
C CYS A 28 23.16 8.18 -15.48
N ILE A 29 24.12 9.07 -15.22
CA ILE A 29 24.03 10.44 -15.73
C ILE A 29 24.06 10.43 -17.25
N ARG A 30 25.01 9.71 -17.85
CA ARG A 30 25.13 9.63 -19.30
C ARG A 30 23.84 9.13 -19.94
N THR A 31 23.38 7.95 -19.52
CA THR A 31 22.14 7.40 -20.06
C THR A 31 20.99 8.39 -19.91
N PHE A 32 20.88 9.02 -18.74
CA PHE A 32 19.74 9.91 -18.53
C PHE A 32 19.81 11.13 -19.44
N ILE A 33 20.99 11.72 -19.59
CA ILE A 33 21.11 12.94 -20.40
C ILE A 33 20.83 12.63 -21.87
N ALA A 34 21.30 11.49 -22.37
CA ALA A 34 20.92 11.08 -23.71
C ALA A 34 19.40 11.01 -23.85
N GLN A 35 18.75 10.35 -22.88
CA GLN A 35 17.29 10.36 -22.87
C GLN A 35 16.73 11.78 -22.87
N HIS A 36 17.34 12.67 -22.11
CA HIS A 36 16.81 14.03 -21.94
C HIS A 36 16.86 14.79 -23.26
N VAL A 37 18.01 14.75 -23.94
CA VAL A 37 18.10 15.30 -25.28
C VAL A 37 17.04 14.69 -26.19
N MET A 38 16.79 13.38 -26.04
CA MET A 38 15.74 12.72 -26.81
C MET A 38 14.38 13.38 -26.56
N VAL A 39 14.04 13.66 -25.30
CA VAL A 39 12.75 14.28 -25.02
C VAL A 39 12.70 15.69 -25.61
N SER A 40 13.76 16.47 -25.40
CA SER A 40 13.73 17.87 -25.83
C SER A 40 13.67 18.01 -27.34
N LYS A 41 14.32 17.10 -28.09
CA LYS A 41 14.35 17.21 -29.55
C LYS A 41 12.96 17.14 -30.18
N GLY A 42 12.00 16.56 -29.49
CA GLY A 42 10.69 16.31 -30.05
C GLY A 42 10.45 14.89 -30.50
N GLU A 43 11.20 13.93 -29.95
CA GLU A 43 10.95 12.52 -30.25
C GLU A 43 9.63 12.09 -29.65
N THR A 44 8.73 11.59 -30.50
CA THR A 44 7.41 11.20 -30.02
C THR A 44 7.45 9.88 -29.27
N GLY A 45 8.40 9.01 -29.61
CA GLY A 45 8.44 7.68 -29.01
C GLY A 45 7.33 6.77 -29.48
N SER A 46 6.82 7.00 -30.69
CA SER A 46 5.72 6.21 -31.24
C SER A 46 6.27 5.15 -32.16
N ILE A 47 5.79 3.91 -31.98
CA ILE A 47 6.18 2.78 -32.82
C ILE A 47 4.97 2.38 -33.67
N PRO A 48 4.78 3.00 -34.83
CA PRO A 48 3.57 2.76 -35.61
C PRO A 48 3.58 1.41 -36.34
N ASP A 49 2.36 0.91 -36.60
CA ASP A 49 2.19 -0.32 -37.35
C ASP A 49 2.90 -0.28 -38.70
N SER A 50 2.97 0.90 -39.31
CA SER A 50 3.60 1.03 -40.62
C SER A 50 5.10 0.77 -40.57
N ALA A 51 5.73 0.77 -39.40
CA ALA A 51 7.15 0.51 -39.26
C ALA A 51 7.45 -0.82 -38.57
N ILE A 52 6.45 -1.67 -38.38
CA ILE A 52 6.67 -2.99 -37.79
C ILE A 52 5.95 -4.05 -38.60
N MET A 53 6.49 -5.26 -38.55
CA MET A 53 5.96 -6.50 -39.08
C MET A 53 5.67 -7.45 -37.91
N PRO A 54 4.72 -8.37 -38.06
CA PRO A 54 4.50 -9.37 -37.01
C PRO A 54 5.52 -10.49 -37.12
N VAL A 55 5.66 -11.23 -36.02
CA VAL A 55 6.52 -12.40 -35.99
C VAL A 55 5.66 -13.63 -36.29
N ASP A 56 5.95 -14.30 -37.40
CA ASP A 56 5.10 -15.40 -37.84
C ASP A 56 5.20 -16.59 -36.89
N SER A 57 6.40 -17.09 -36.66
CA SER A 57 6.57 -18.27 -35.82
C SER A 57 7.93 -18.23 -35.14
N LEU A 58 8.01 -18.87 -33.98
CA LEU A 58 9.24 -18.96 -33.21
C LEU A 58 9.43 -20.39 -32.73
N ASP A 59 10.67 -20.70 -32.38
CA ASP A 59 10.96 -21.98 -31.74
C ASP A 59 10.27 -22.06 -30.39
N ALA A 60 9.86 -23.28 -30.02
CA ALA A 60 9.16 -23.52 -28.77
C ALA A 60 10.06 -24.31 -27.83
N LEU A 61 10.27 -23.77 -26.62
CA LEU A 61 11.01 -24.49 -25.59
C LEU A 61 10.48 -25.89 -25.41
N ASP A 62 9.15 -26.05 -25.47
CA ASP A 62 8.46 -27.34 -25.48
C ASP A 62 9.11 -28.35 -26.42
N SER A 63 9.71 -27.86 -27.50
CA SER A 63 10.29 -28.72 -28.53
C SER A 63 11.82 -28.77 -28.46
N LEU A 64 12.40 -28.41 -27.32
CA LEU A 64 13.83 -28.51 -27.09
C LEU A 64 14.14 -29.64 -26.13
N THR A 65 15.24 -30.33 -26.38
CA THR A 65 15.59 -31.52 -25.59
C THR A 65 17.00 -31.45 -25.01
N ILE A 66 17.99 -31.01 -25.79
CA ILE A 66 19.39 -31.08 -25.38
C ILE A 66 19.65 -30.08 -24.26
N GLU A 67 20.13 -30.56 -23.12
CA GLU A 67 20.57 -29.70 -22.03
C GLU A 67 22.08 -29.50 -22.12
N CYS A 68 22.53 -28.31 -21.75
CA CYS A 68 23.95 -28.02 -21.79
C CYS A 68 24.71 -28.81 -20.74
N ASP A 69 26.04 -28.79 -20.86
CA ASP A 69 26.89 -29.28 -19.79
C ASP A 69 26.75 -28.37 -18.56
N ASN A 70 27.18 -28.89 -17.42
CA ASN A 70 27.17 -28.08 -16.20
C ASN A 70 28.30 -27.05 -16.21
N ALA A 71 29.35 -27.29 -16.99
CA ALA A 71 30.43 -26.31 -17.11
C ALA A 71 29.92 -24.98 -17.64
N VAL A 72 28.90 -25.00 -18.50
CA VAL A 72 28.24 -23.75 -18.88
C VAL A 72 27.63 -23.10 -17.65
N LEU A 73 26.96 -23.91 -16.82
CA LEU A 73 26.34 -23.40 -15.61
C LEU A 73 27.36 -22.79 -14.66
N GLN A 74 28.63 -23.17 -14.78
CA GLN A 74 29.69 -22.52 -14.02
C GLN A 74 29.89 -21.06 -14.41
N SER A 75 29.49 -20.68 -15.63
CA SER A 75 29.64 -19.31 -16.11
C SER A 75 28.29 -18.59 -16.21
N THR A 76 27.41 -18.81 -15.25
CA THR A 76 26.04 -18.33 -15.31
C THR A 76 25.68 -17.55 -14.05
N VAL A 77 24.96 -16.44 -14.26
CA VAL A 77 24.48 -15.58 -13.19
C VAL A 77 22.96 -15.58 -13.22
N VAL A 78 22.34 -15.97 -12.13
CA VAL A 78 20.90 -15.76 -11.95
C VAL A 78 20.72 -14.39 -11.31
N LEU A 79 20.10 -13.48 -12.03
CA LEU A 79 19.75 -12.16 -11.53
C LEU A 79 18.25 -12.11 -11.30
N LYS A 80 17.84 -11.74 -10.09
CA LYS A 80 16.42 -11.76 -9.74
C LYS A 80 15.95 -10.35 -9.41
N LEU A 81 14.89 -9.90 -10.07
CA LEU A 81 14.36 -8.57 -9.85
C LEU A 81 13.67 -8.50 -8.49
N ASN A 82 14.20 -7.69 -7.60
CA ASN A 82 13.73 -7.64 -6.22
C ASN A 82 13.13 -6.30 -5.83
N GLY A 83 13.18 -5.30 -6.72
CA GLY A 83 12.82 -3.93 -6.36
C GLY A 83 11.37 -3.72 -5.97
N GLY A 84 10.50 -4.68 -6.25
CA GLY A 84 9.07 -4.46 -6.08
C GLY A 84 8.62 -4.55 -4.64
N LEU A 85 7.82 -3.58 -4.21
CA LEU A 85 7.07 -3.70 -2.98
C LEU A 85 5.76 -4.42 -3.29
N GLY A 86 4.96 -4.67 -2.25
CA GLY A 86 3.68 -5.32 -2.46
C GLY A 86 2.55 -4.32 -2.63
N THR A 87 2.87 -3.10 -3.08
CA THR A 87 1.94 -1.99 -3.00
C THR A 87 0.60 -2.29 -3.68
N GLY A 88 0.60 -3.13 -4.70
CA GLY A 88 -0.67 -3.56 -5.27
C GLY A 88 -1.55 -4.26 -4.25
N MET A 89 -1.00 -5.25 -3.57
CA MET A 89 -1.73 -6.05 -2.60
C MET A 89 -1.69 -5.46 -1.19
N GLY A 90 -1.30 -4.19 -1.05
CA GLY A 90 -1.34 -3.53 0.24
C GLY A 90 -0.21 -3.92 1.17
N LEU A 91 1.03 -3.64 0.76
CA LEU A 91 2.19 -3.87 1.60
C LEU A 91 3.25 -2.84 1.23
N CYS A 92 3.76 -2.11 2.24
CA CYS A 92 4.98 -1.33 2.08
C CYS A 92 6.22 -2.16 2.36
N ASP A 93 6.16 -3.47 2.10
CA ASP A 93 7.22 -4.43 2.29
C ASP A 93 7.57 -5.06 0.95
N ALA A 94 8.78 -5.63 0.85
CA ALA A 94 9.23 -6.23 -0.39
C ALA A 94 8.37 -7.44 -0.76
N LYS A 95 8.01 -7.55 -2.04
CA LYS A 95 7.08 -8.57 -2.46
C LYS A 95 7.69 -9.96 -2.44
N THR A 96 9.02 -10.07 -2.55
CA THR A 96 9.63 -11.39 -2.57
C THR A 96 9.68 -12.05 -1.20
N LEU A 97 9.43 -11.30 -0.13
CA LEU A 97 9.45 -11.83 1.23
C LEU A 97 8.07 -12.26 1.71
N LEU A 98 7.15 -12.54 0.79
CA LEU A 98 5.83 -13.07 1.13
C LEU A 98 5.85 -14.59 1.11
N GLU A 99 5.22 -15.19 2.12
CA GLU A 99 5.07 -16.64 2.10
C GLU A 99 4.26 -17.05 0.89
N VAL A 100 4.72 -18.08 0.20
CA VAL A 100 3.98 -18.65 -0.92
C VAL A 100 3.65 -20.11 -0.72
N LYS A 101 4.39 -20.83 0.13
CA LYS A 101 4.14 -22.23 0.41
C LYS A 101 5.09 -22.67 1.51
N ASP A 102 4.61 -23.55 2.39
CA ASP A 102 5.45 -24.23 3.38
C ASP A 102 6.13 -23.25 4.32
N GLY A 103 5.59 -22.04 4.46
CA GLY A 103 6.27 -21.01 5.22
C GLY A 103 7.51 -20.46 4.53
N LYS A 104 7.74 -20.81 3.28
CA LYS A 104 8.85 -20.29 2.49
C LYS A 104 8.35 -19.18 1.56
N THR A 105 9.24 -18.24 1.25
CA THR A 105 8.89 -17.10 0.43
C THR A 105 9.47 -17.26 -0.97
N PHE A 106 9.19 -16.28 -1.84
CA PHE A 106 9.81 -16.26 -3.16
C PHE A 106 11.33 -16.34 -3.06
N LEU A 107 11.92 -15.59 -2.14
CA LEU A 107 13.37 -15.58 -1.98
C LEU A 107 13.86 -16.91 -1.44
N ASP A 108 13.11 -17.51 -0.50
CA ASP A 108 13.41 -18.87 -0.05
C ASP A 108 13.56 -19.80 -1.23
N PHE A 109 12.54 -19.84 -2.09
CA PHE A 109 12.53 -20.78 -3.20
C PHE A 109 13.67 -20.50 -4.17
N THR A 110 13.94 -19.22 -4.46
CA THR A 110 15.01 -18.93 -5.40
C THR A 110 16.37 -19.32 -4.83
N ALA A 111 16.60 -19.08 -3.54
CA ALA A 111 17.90 -19.39 -2.94
C ALA A 111 18.09 -20.90 -2.79
N LEU A 112 17.02 -21.63 -2.44
CA LEU A 112 17.09 -23.08 -2.38
C LEU A 112 17.35 -23.67 -3.76
N GLN A 113 16.79 -23.07 -4.82
CA GLN A 113 17.11 -23.51 -6.18
C GLN A 113 18.57 -23.22 -6.53
N VAL A 114 19.05 -22.03 -6.16
CA VAL A 114 20.39 -21.62 -6.54
C VAL A 114 21.44 -22.42 -5.78
N GLN A 115 21.16 -22.82 -4.54
CA GLN A 115 22.11 -23.67 -3.85
C GLN A 115 21.92 -25.14 -4.18
N TYR A 116 20.73 -25.57 -4.60
CA TYR A 116 20.60 -26.91 -5.15
C TYR A 116 21.46 -27.08 -6.39
N LEU A 117 21.38 -26.11 -7.31
CA LEU A 117 22.26 -26.12 -8.46
C LEU A 117 23.72 -25.90 -8.06
N ARG A 118 23.95 -25.11 -7.00
CA ARG A 118 25.31 -24.89 -6.53
C ARG A 118 25.95 -26.19 -6.05
N GLN A 119 25.17 -27.08 -5.43
CA GLN A 119 25.75 -28.30 -4.87
C GLN A 119 25.67 -29.51 -5.79
N HIS A 120 24.72 -29.54 -6.73
CA HIS A 120 24.55 -30.70 -7.60
C HIS A 120 25.11 -30.51 -9.00
N CYS A 121 25.14 -29.29 -9.52
CA CYS A 121 25.55 -29.03 -10.88
C CYS A 121 26.85 -28.22 -10.95
N SER A 122 26.84 -26.98 -10.49
CA SER A 122 27.97 -26.08 -10.67
C SER A 122 28.14 -25.23 -9.42
N GLU A 123 29.30 -25.37 -8.77
CA GLU A 123 29.56 -24.59 -7.57
C GLU A 123 29.64 -23.10 -7.85
N HIS A 124 30.07 -22.72 -9.05
CA HIS A 124 30.32 -21.32 -9.33
C HIS A 124 29.15 -20.60 -9.96
N LEU A 125 27.96 -21.21 -9.97
CA LEU A 125 26.77 -20.47 -10.34
C LEU A 125 26.63 -19.27 -9.41
N ARG A 126 26.48 -18.08 -9.99
CA ARG A 126 26.42 -16.87 -9.18
C ARG A 126 24.99 -16.36 -9.09
N PHE A 127 24.71 -15.64 -8.01
CA PHE A 127 23.38 -15.19 -7.66
C PHE A 127 23.42 -13.70 -7.37
N MET A 128 22.43 -12.97 -7.86
CA MET A 128 22.38 -11.54 -7.67
C MET A 128 20.94 -11.09 -7.56
N LEU A 129 20.73 -10.03 -6.78
CA LEU A 129 19.41 -9.41 -6.63
C LEU A 129 19.48 -7.97 -7.10
N MET A 130 18.44 -7.54 -7.82
CA MET A 130 18.27 -6.14 -8.18
C MET A 130 17.44 -5.46 -7.10
N ASP A 131 18.09 -4.71 -6.22
CA ASP A 131 17.43 -4.10 -5.08
C ASP A 131 17.17 -2.62 -5.33
N SER A 132 16.03 -2.16 -4.82
CA SER A 132 15.80 -0.74 -4.68
C SER A 132 16.20 -0.31 -3.27
N PHE A 133 15.99 0.97 -2.95
CA PHE A 133 16.27 1.43 -1.59
C PHE A 133 15.19 0.95 -0.61
N ASN A 134 13.98 0.70 -1.10
CA ASN A 134 12.88 0.26 -0.24
C ASN A 134 12.97 -1.21 0.15
N THR A 135 13.65 -2.03 -0.65
CA THR A 135 13.70 -3.47 -0.41
C THR A 135 15.03 -3.93 0.18
N SER A 136 16.06 -3.10 0.13
CA SER A 136 17.41 -3.52 0.49
C SER A 136 17.49 -4.02 1.93
N ALA A 137 16.95 -3.24 2.88
CA ALA A 137 17.18 -3.52 4.29
C ALA A 137 16.55 -4.84 4.71
N SER A 138 15.27 -5.05 4.40
CA SER A 138 14.62 -6.28 4.81
C SER A 138 15.20 -7.48 4.08
N THR A 139 15.63 -7.28 2.83
CA THR A 139 16.28 -8.36 2.09
C THR A 139 17.57 -8.79 2.78
N LYS A 140 18.41 -7.82 3.12
CA LYS A 140 19.65 -8.13 3.83
C LYS A 140 19.37 -8.81 5.16
N SER A 141 18.32 -8.39 5.87
CA SER A 141 17.98 -9.05 7.13
C SER A 141 17.54 -10.48 6.90
N PHE A 142 16.68 -10.70 5.91
CA PHE A 142 16.20 -12.04 5.60
C PHE A 142 17.36 -12.97 5.29
N LEU A 143 18.23 -12.58 4.37
CA LEU A 143 19.36 -13.44 4.03
C LEU A 143 20.29 -13.63 5.22
N LYS A 144 20.45 -12.60 6.06
CA LYS A 144 21.23 -12.76 7.28
C LYS A 144 20.63 -13.82 8.19
N ALA A 145 19.31 -13.93 8.24
CA ALA A 145 18.65 -14.85 9.17
C ALA A 145 18.56 -16.26 8.61
N ARG A 146 18.29 -16.41 7.32
CA ARG A 146 17.96 -17.69 6.70
C ARG A 146 19.07 -18.29 5.86
N TYR A 147 19.81 -17.49 5.09
CA TYR A 147 20.84 -18.00 4.18
C TYR A 147 22.15 -17.28 4.45
N PRO A 148 22.88 -17.71 5.49
CA PRO A 148 24.12 -17.01 5.88
C PRO A 148 25.13 -16.84 4.76
N TRP A 149 25.29 -17.86 3.90
CA TRP A 149 26.28 -17.77 2.84
C TRP A 149 25.95 -16.66 1.84
N LEU A 150 24.67 -16.32 1.69
CA LEU A 150 24.31 -15.19 0.84
C LEU A 150 24.54 -13.85 1.55
N TYR A 151 24.27 -13.79 2.87
CA TYR A 151 24.54 -12.56 3.60
C TYR A 151 26.03 -12.26 3.66
N GLN A 152 26.87 -13.30 3.63
CA GLN A 152 28.32 -13.09 3.72
C GLN A 152 28.83 -12.24 2.58
N VAL A 153 28.19 -12.30 1.42
CA VAL A 153 28.65 -11.59 0.24
C VAL A 153 27.59 -10.64 -0.31
N PHE A 154 26.57 -10.34 0.51
CA PHE A 154 25.43 -9.56 0.03
C PHE A 154 25.85 -8.24 -0.56
N ASP A 155 26.79 -7.54 0.09
CA ASP A 155 27.21 -6.23 -0.39
C ASP A 155 28.15 -6.35 -1.58
N SER A 156 29.12 -7.25 -1.52
CA SER A 156 30.17 -7.28 -2.55
C SER A 156 29.72 -7.98 -3.82
N GLU A 157 28.83 -8.98 -3.72
CA GLU A 157 28.56 -9.82 -4.88
C GLU A 157 27.08 -9.93 -5.24
N VAL A 158 26.19 -9.92 -4.25
CA VAL A 158 24.80 -10.28 -4.50
C VAL A 158 23.97 -9.05 -4.90
N GLU A 159 23.97 -8.03 -4.06
CA GLU A 159 23.06 -6.90 -4.28
C GLU A 159 23.67 -5.92 -5.26
N LEU A 160 22.97 -5.70 -6.36
CA LEU A 160 23.22 -4.59 -7.26
C LEU A 160 22.06 -3.63 -7.14
N MET A 161 22.38 -2.33 -7.02
CA MET A 161 21.40 -1.34 -6.59
C MET A 161 20.79 -0.61 -7.78
N GLN A 162 19.48 -0.43 -7.72
CA GLN A 162 18.76 0.37 -8.71
C GLN A 162 19.07 1.84 -8.51
N ASN A 163 19.48 2.52 -9.58
CA ASN A 163 19.65 3.97 -9.47
C ASN A 163 18.33 4.65 -9.82
N GLN A 164 18.22 5.92 -9.44
CA GLN A 164 17.03 6.72 -9.69
C GLN A 164 17.38 7.99 -10.44
N VAL A 165 16.41 8.47 -11.22
CA VAL A 165 16.61 9.63 -12.09
C VAL A 165 15.64 10.73 -11.69
N PRO A 166 15.99 12.00 -11.92
CA PRO A 166 15.12 13.10 -11.50
C PRO A 166 13.91 13.23 -12.42
N LYS A 167 12.74 13.41 -11.81
CA LYS A 167 11.57 13.83 -12.56
C LYS A 167 11.85 15.20 -13.17
N ILE A 168 11.47 15.39 -14.43
CA ILE A 168 11.68 16.66 -15.14
C ILE A 168 10.32 17.30 -15.40
N LEU A 169 10.26 18.60 -15.21
CA LEU A 169 9.02 19.35 -15.43
C LEU A 169 8.60 19.29 -16.89
N GLN A 170 7.28 19.25 -17.11
CA GLN A 170 6.77 19.07 -18.46
C GLN A 170 7.04 20.28 -19.34
N ASP A 171 7.02 21.49 -18.79
CA ASP A 171 7.14 22.68 -19.63
C ASP A 171 8.59 22.96 -20.00
N THR A 172 9.46 23.16 -19.01
CA THR A 172 10.84 23.57 -19.26
C THR A 172 11.84 22.42 -19.28
N LEU A 173 11.40 21.20 -18.97
CA LEU A 173 12.26 20.02 -18.84
C LEU A 173 13.35 20.19 -17.78
N GLU A 174 13.22 21.19 -16.91
CA GLU A 174 14.10 21.34 -15.77
C GLU A 174 13.77 20.28 -14.70
N PRO A 175 14.73 19.94 -13.86
CA PRO A 175 14.43 18.99 -12.77
C PRO A 175 13.40 19.57 -11.81
N ALA A 176 12.29 18.84 -11.67
CA ALA A 176 11.21 19.28 -10.80
C ALA A 176 11.69 19.42 -9.36
N ALA A 177 11.05 20.33 -8.63
CA ALA A 177 11.42 20.67 -7.25
C ALA A 177 10.18 20.64 -6.39
N TRP A 178 10.26 19.91 -5.27
CA TRP A 178 9.10 19.69 -4.39
C TRP A 178 9.59 19.76 -2.96
N ALA A 179 9.50 20.95 -2.36
CA ALA A 179 10.12 21.20 -1.07
C ALA A 179 9.50 20.36 0.04
N GLU A 180 8.18 20.18 0.02
CA GLU A 180 7.52 19.49 1.12
C GLU A 180 7.98 18.04 1.27
N ASN A 181 8.51 17.45 0.21
CA ASN A 181 9.21 16.17 0.32
C ASN A 181 10.15 16.01 -0.87
N PRO A 182 11.44 16.33 -0.69
CA PRO A 182 12.39 16.18 -1.81
C PRO A 182 12.43 14.78 -2.39
N ALA A 183 11.98 13.76 -1.65
CA ALA A 183 12.02 12.39 -2.17
C ALA A 183 11.21 12.25 -3.46
N TYR A 184 10.07 12.94 -3.54
CA TYR A 184 9.24 12.87 -4.73
C TYR A 184 9.91 13.48 -5.96
N GLU A 185 11.08 14.11 -5.81
CA GLU A 185 11.81 14.66 -6.94
C GLU A 185 12.62 13.62 -7.69
N TRP A 186 12.48 12.36 -7.39
CA TRP A 186 13.22 11.32 -8.02
C TRP A 186 12.37 10.12 -8.19
N ALA A 187 12.65 9.33 -9.22
CA ALA A 187 11.93 8.08 -9.49
C ALA A 187 12.80 7.02 -10.11
N PRO A 188 12.39 5.77 -10.07
CA PRO A 188 13.15 4.71 -10.71
C PRO A 188 12.96 4.73 -12.21
N PRO A 189 13.93 4.27 -12.96
CA PRO A 189 13.89 4.37 -14.40
C PRO A 189 13.32 3.20 -15.12
N GLY A 190 12.66 2.35 -14.40
CA GLY A 190 12.09 1.16 -14.94
C GLY A 190 13.06 0.04 -14.85
N HIS A 191 12.56 -1.11 -15.16
CA HIS A 191 13.39 -2.28 -15.08
C HIS A 191 14.48 -2.15 -16.06
N GLY A 192 14.19 -1.55 -17.20
CA GLY A 192 15.24 -1.34 -18.17
C GLY A 192 16.46 -0.65 -17.61
N ASP A 193 16.39 -0.12 -16.40
CA ASP A 193 17.58 0.39 -15.73
C ASP A 193 18.65 -0.68 -15.58
N ILE A 194 18.27 -1.97 -15.63
CA ILE A 194 19.17 -3.05 -15.20
C ILE A 194 20.53 -2.99 -15.88
N TYR A 195 20.62 -2.43 -17.09
CA TYR A 195 21.89 -2.44 -17.79
C TYR A 195 22.81 -1.29 -17.35
N THR A 196 22.24 -0.13 -17.01
CA THR A 196 23.05 0.98 -16.54
C THR A 196 23.64 0.71 -15.16
N ALA A 197 22.95 -0.08 -14.33
CA ALA A 197 23.50 -0.44 -13.03
C ALA A 197 24.66 -1.42 -13.18
N LEU A 198 24.42 -2.57 -13.83
CA LEU A 198 25.48 -3.54 -14.11
C LEU A 198 26.72 -2.87 -14.67
N TYR A 199 26.55 -2.05 -15.70
CA TYR A 199 27.68 -1.30 -16.22
C TYR A 199 28.19 -0.28 -15.20
N GLY A 200 27.29 0.53 -14.63
CA GLY A 200 27.69 1.71 -13.87
C GLY A 200 28.42 1.41 -12.58
N SER A 201 28.19 0.23 -12.01
CA SER A 201 28.90 -0.23 -10.83
C SER A 201 30.21 -0.91 -11.16
N GLY A 202 30.53 -1.04 -12.45
CA GLY A 202 31.63 -1.88 -12.87
C GLY A 202 31.41 -3.36 -12.65
N LYS A 203 30.20 -3.76 -12.22
CA LYS A 203 29.96 -5.15 -11.88
C LYS A 203 29.86 -6.02 -13.13
N LEU A 204 29.38 -5.46 -14.24
CA LEU A 204 29.39 -6.18 -15.50
C LEU A 204 30.83 -6.44 -15.95
N GLN A 205 31.67 -5.41 -15.89
CA GLN A 205 33.09 -5.59 -16.16
C GLN A 205 33.70 -6.67 -15.28
N GLU A 206 33.32 -6.70 -14.00
CA GLU A 206 33.88 -7.67 -13.07
C GLU A 206 33.44 -9.10 -13.41
N LEU A 207 32.15 -9.28 -13.69
CA LEU A 207 31.67 -10.60 -14.09
C LEU A 207 32.35 -11.07 -15.37
N VAL A 208 32.46 -10.19 -16.36
CA VAL A 208 33.07 -10.57 -17.63
C VAL A 208 34.54 -10.91 -17.44
N GLU A 209 35.23 -10.15 -16.59
CA GLU A 209 36.65 -10.42 -16.34
C GLU A 209 36.86 -11.81 -15.75
N GLN A 210 36.02 -12.19 -14.78
CA GLN A 210 36.12 -13.50 -14.15
C GLN A 210 35.63 -14.64 -15.04
N GLY A 211 35.29 -14.36 -16.28
CA GLY A 211 34.98 -15.40 -17.24
C GLY A 211 33.52 -15.81 -17.30
N TYR A 212 32.61 -15.00 -16.79
CA TYR A 212 31.19 -15.34 -16.85
C TYR A 212 30.64 -15.05 -18.23
N ARG A 213 29.75 -15.91 -18.70
CA ARG A 213 29.23 -15.86 -20.06
C ARG A 213 27.77 -15.44 -20.12
N TYR A 214 26.89 -16.07 -19.35
CA TYR A 214 25.47 -15.83 -19.44
C TYR A 214 24.92 -15.23 -18.14
N MET A 215 23.78 -14.55 -18.27
CA MET A 215 23.01 -14.10 -17.14
C MET A 215 21.53 -14.32 -17.43
N PHE A 216 20.84 -14.97 -16.49
CA PHE A 216 19.41 -15.21 -16.57
C PHE A 216 18.73 -14.17 -15.69
N VAL A 217 18.15 -13.16 -16.33
CA VAL A 217 17.38 -12.12 -15.68
C VAL A 217 15.92 -12.54 -15.63
N SER A 218 15.27 -12.31 -14.49
CA SER A 218 13.83 -12.53 -14.35
C SER A 218 13.35 -11.78 -13.12
N ASN A 219 12.03 -11.69 -13.02
CA ASN A 219 11.39 -11.01 -11.91
C ASN A 219 11.32 -11.91 -10.69
N GLY A 220 11.53 -11.32 -9.51
CA GLY A 220 11.56 -12.09 -8.28
C GLY A 220 10.23 -12.70 -7.88
N ASP A 221 9.12 -12.12 -8.33
CA ASP A 221 7.80 -12.68 -8.04
C ASP A 221 7.34 -13.71 -9.06
N ASN A 222 8.15 -13.96 -10.10
CA ASN A 222 7.87 -14.99 -11.11
C ASN A 222 8.48 -16.29 -10.60
N LEU A 223 7.62 -17.16 -10.05
CA LEU A 223 8.13 -18.40 -9.46
C LEU A 223 8.39 -19.49 -10.50
N GLY A 224 7.87 -19.35 -11.70
CA GLY A 224 8.12 -20.30 -12.76
C GLY A 224 9.31 -20.00 -13.64
N ALA A 225 10.03 -18.91 -13.37
CA ALA A 225 11.21 -18.54 -14.16
C ALA A 225 12.46 -19.14 -13.50
N THR A 226 12.71 -20.41 -13.82
CA THR A 226 13.85 -21.12 -13.29
C THR A 226 14.89 -21.35 -14.37
N ILE A 227 16.09 -21.71 -13.95
CA ILE A 227 17.13 -22.11 -14.88
C ILE A 227 16.65 -23.30 -15.70
N ASP A 228 16.68 -23.17 -17.01
CA ASP A 228 16.47 -24.29 -17.92
C ASP A 228 17.74 -24.47 -18.72
N LYS A 229 18.36 -25.64 -18.61
CA LYS A 229 19.59 -25.91 -19.32
C LYS A 229 19.38 -26.06 -20.82
N ARG A 230 18.16 -26.43 -21.25
CA ARG A 230 17.87 -26.49 -22.68
C ARG A 230 17.98 -25.12 -23.33
N VAL A 231 17.63 -24.07 -22.60
CA VAL A 231 17.74 -22.71 -23.11
C VAL A 231 19.20 -22.36 -23.35
N LEU A 232 20.04 -22.56 -22.34
CA LEU A 232 21.48 -22.34 -22.48
C LEU A 232 22.03 -23.11 -23.67
N ALA A 233 21.67 -24.38 -23.78
CA ALA A 233 22.12 -25.18 -24.92
C ALA A 233 21.69 -24.54 -26.24
N TYR A 234 20.42 -24.20 -26.36
CA TYR A 234 19.92 -23.49 -27.54
C TYR A 234 20.77 -22.25 -27.85
N MET A 235 21.17 -21.51 -26.81
CA MET A 235 21.98 -20.32 -27.00
C MET A 235 23.37 -20.65 -27.53
N GLU A 236 23.93 -21.80 -27.12
CA GLU A 236 25.20 -22.23 -27.70
C GLU A 236 25.04 -22.71 -29.13
N LYS A 237 24.05 -23.58 -29.38
CA LYS A 237 23.82 -24.13 -30.71
C LYS A 237 23.60 -23.02 -31.73
N GLU A 238 22.70 -22.08 -31.42
CA GLU A 238 22.31 -21.04 -32.37
C GLU A 238 23.16 -19.78 -32.27
N LYS A 239 24.10 -19.74 -31.32
CA LYS A 239 25.05 -18.63 -31.18
C LYS A 239 24.33 -17.32 -30.86
N ILE A 240 23.25 -17.43 -30.10
CA ILE A 240 22.42 -16.27 -29.75
C ILE A 240 23.10 -15.44 -28.67
N ASP A 241 22.90 -14.13 -28.73
CA ASP A 241 23.41 -13.20 -27.73
C ASP A 241 22.35 -12.65 -26.79
N PHE A 242 21.10 -12.51 -27.25
CA PHE A 242 20.01 -12.01 -26.40
C PHE A 242 18.77 -12.86 -26.70
N LEU A 243 18.43 -13.75 -25.78
CA LEU A 243 17.22 -14.54 -25.89
C LEU A 243 16.13 -13.96 -24.99
N MET A 244 14.93 -13.83 -25.53
CA MET A 244 13.77 -13.42 -24.75
C MET A 244 12.74 -14.54 -24.80
N GLU A 245 12.29 -14.98 -23.62
CA GLU A 245 11.20 -15.93 -23.56
C GLU A 245 9.89 -15.19 -23.77
N VAL A 246 9.06 -15.68 -24.70
CA VAL A 246 7.77 -15.06 -24.94
C VAL A 246 6.68 -16.07 -24.72
N CYS A 247 5.47 -15.56 -24.51
CA CYS A 247 4.29 -16.39 -24.35
C CYS A 247 3.25 -16.03 -25.39
N ARG A 248 2.44 -17.01 -25.77
CA ARG A 248 1.35 -16.75 -26.69
C ARG A 248 0.34 -15.81 -26.02
N ARG A 249 0.01 -14.74 -26.73
CA ARG A 249 -0.86 -13.70 -26.20
C ARG A 249 -2.31 -14.15 -26.24
N THR A 250 -2.96 -14.19 -25.07
CA THR A 250 -4.38 -14.48 -24.98
C THR A 250 -5.16 -13.17 -24.90
N GLU A 251 -6.49 -13.26 -25.10
CA GLU A 251 -7.31 -12.06 -25.13
C GLU A 251 -7.35 -11.36 -23.77
N SER A 252 -6.97 -12.04 -22.70
CA SER A 252 -6.74 -11.36 -21.43
C SER A 252 -5.51 -10.48 -21.46
N ASP A 253 -4.57 -10.76 -22.38
CA ASP A 253 -3.33 -10.02 -22.50
C ASP A 253 -3.37 -8.96 -23.59
N LYS A 254 -4.50 -8.80 -24.30
CA LYS A 254 -4.54 -7.85 -25.40
C LYS A 254 -4.29 -6.42 -24.92
N LYS A 255 -4.52 -6.14 -23.65
CA LYS A 255 -4.19 -4.83 -23.09
C LYS A 255 -2.69 -4.61 -23.04
N GLY A 256 -1.93 -5.63 -22.63
CA GLY A 256 -0.50 -5.51 -22.48
C GLY A 256 0.25 -5.57 -23.80
N GLY A 257 1.56 -5.40 -23.71
CA GLY A 257 2.40 -5.20 -24.87
C GLY A 257 2.54 -6.44 -25.75
N HIS A 258 3.46 -6.35 -26.70
CA HIS A 258 3.67 -7.45 -27.64
C HIS A 258 4.99 -7.30 -28.37
N LEU A 259 5.48 -8.42 -28.88
CA LEU A 259 6.71 -8.50 -29.66
C LEU A 259 6.42 -8.32 -31.15
N ALA A 260 7.41 -7.76 -31.87
CA ALA A 260 7.22 -7.37 -33.27
C ALA A 260 8.55 -7.36 -34.00
N ARG A 261 8.46 -7.12 -35.31
CA ARG A 261 9.55 -7.28 -36.25
C ARG A 261 9.81 -5.96 -36.97
N GLN A 262 11.07 -5.55 -37.12
CA GLN A 262 11.33 -4.35 -37.90
C GLN A 262 12.59 -4.52 -38.75
N THR A 263 12.69 -3.67 -39.78
CA THR A 263 13.83 -3.66 -40.68
C THR A 263 14.65 -2.38 -40.47
N VAL A 264 15.95 -2.50 -40.67
CA VAL A 264 16.89 -1.43 -40.35
C VAL A 264 18.02 -1.41 -41.37
N TYR A 265 18.18 -0.29 -42.05
CA TYR A 265 19.29 -0.14 -42.98
C TYR A 265 20.60 -0.11 -42.20
N VAL A 266 21.46 -1.03 -42.56
CA VAL A 266 22.79 -1.11 -42.00
C VAL A 266 23.75 -0.94 -43.15
N LYS A 267 24.73 -0.10 -42.96
CA LYS A 267 25.68 0.17 -43.99
C LYS A 267 27.02 -0.32 -43.50
N GLY A 268 27.85 -0.87 -44.38
CA GLY A 268 29.19 -1.27 -43.98
C GLY A 268 30.05 -0.12 -44.46
N LYS A 269 30.61 0.64 -43.53
CA LYS A 269 31.34 1.90 -43.83
C LYS A 269 32.56 1.99 -44.77
N ASP A 270 33.45 1.02 -44.77
CA ASP A 270 34.58 1.13 -45.69
C ASP A 270 34.48 0.08 -46.74
N GLY A 271 34.17 0.51 -47.96
CA GLY A 271 33.93 -0.37 -49.08
C GLY A 271 32.47 -0.62 -49.46
N GLN A 272 31.50 -0.28 -48.59
CA GLN A 272 29.99 -0.32 -48.81
C GLN A 272 29.09 -1.48 -49.38
N PRO A 273 29.11 -2.68 -48.78
CA PRO A 273 28.43 -3.88 -49.26
C PRO A 273 27.07 -4.33 -48.75
N ASP A 274 26.46 -3.72 -47.75
CA ASP A 274 25.18 -4.29 -47.30
C ASP A 274 23.90 -3.47 -47.22
N ALA A 275 22.80 -4.18 -47.02
CA ALA A 275 21.51 -3.55 -46.91
C ALA A 275 20.75 -3.86 -45.62
N GLU A 276 19.45 -3.76 -45.68
CA GLU A 276 18.54 -3.93 -44.56
C GLU A 276 18.50 -5.24 -43.78
N LYS A 277 18.40 -5.13 -42.46
CA LYS A 277 18.44 -6.27 -41.54
C LYS A 277 17.15 -6.31 -40.74
N ARG A 278 16.74 -7.51 -40.32
CA ARG A 278 15.51 -7.70 -39.55
C ARG A 278 15.85 -7.95 -38.08
N VAL A 279 15.36 -7.10 -37.20
CA VAL A 279 15.66 -7.16 -35.78
C VAL A 279 14.37 -7.10 -34.97
N LEU A 280 14.38 -7.81 -33.83
CA LEU A 280 13.21 -7.98 -32.98
C LEU A 280 13.07 -6.81 -32.02
N LEU A 281 11.83 -6.38 -31.80
CA LEU A 281 11.54 -5.33 -30.86
C LEU A 281 10.28 -5.69 -30.09
N LEU A 282 9.99 -4.94 -29.04
CA LEU A 282 8.69 -5.03 -28.41
C LEU A 282 8.12 -3.62 -28.24
N ARG A 283 6.80 -3.55 -28.16
CA ARG A 283 6.16 -2.28 -27.89
C ARG A 283 5.04 -2.48 -26.87
N GLU A 284 4.90 -1.49 -26.00
CA GLU A 284 3.80 -1.39 -25.06
C GLU A 284 2.79 -0.39 -25.61
N SER A 285 1.69 -0.20 -24.88
CA SER A 285 0.66 0.72 -25.34
C SER A 285 1.13 2.18 -25.29
N ALA A 286 2.11 2.49 -24.43
CA ALA A 286 2.69 3.84 -24.43
C ALA A 286 3.49 4.14 -25.68
N GLN A 287 3.81 3.15 -26.50
CA GLN A 287 4.46 3.38 -27.78
C GLN A 287 3.49 3.29 -28.95
N CYS A 288 2.26 2.83 -28.72
CA CYS A 288 1.30 2.67 -29.80
C CYS A 288 0.44 3.92 -29.92
N PRO A 289 0.28 4.48 -31.12
CA PRO A 289 -0.64 5.60 -31.31
C PRO A 289 -2.10 5.18 -31.13
N LYS A 290 -2.97 6.19 -31.06
CA LYS A 290 -4.39 5.95 -30.92
C LYS A 290 -4.95 5.18 -32.12
N ALA A 291 -4.74 5.71 -33.32
CA ALA A 291 -5.33 5.16 -34.54
C ALA A 291 -4.98 3.70 -34.79
N ASP A 292 -3.99 3.16 -34.08
CA ASP A 292 -3.54 1.79 -34.29
C ASP A 292 -3.86 0.86 -33.12
N MET A 293 -4.61 1.33 -32.12
CA MET A 293 -4.85 0.53 -30.93
C MET A 293 -5.67 -0.73 -31.20
N GLU A 294 -6.35 -0.84 -32.35
CA GLU A 294 -6.99 -2.12 -32.68
C GLU A 294 -5.97 -3.13 -33.20
N SER A 295 -4.98 -2.66 -33.96
CA SER A 295 -3.91 -3.54 -34.39
C SER A 295 -3.12 -4.04 -33.21
N PHE A 296 -3.06 -3.24 -32.14
CA PHE A 296 -2.32 -3.62 -30.94
C PHE A 296 -3.00 -4.77 -30.21
N GLN A 297 -4.33 -4.80 -30.20
CA GLN A 297 -5.09 -5.76 -29.42
C GLN A 297 -5.58 -6.93 -30.27
N ASP A 298 -4.91 -7.23 -31.38
CA ASP A 298 -5.22 -8.40 -32.17
C ASP A 298 -4.32 -9.54 -31.70
N ILE A 299 -4.95 -10.54 -31.07
CA ILE A 299 -4.21 -11.67 -30.50
C ILE A 299 -3.48 -12.44 -31.60
N ASN A 300 -4.10 -12.54 -32.78
CA ASN A 300 -3.53 -13.37 -33.84
C ASN A 300 -2.59 -12.61 -34.76
N LYS A 301 -2.71 -11.28 -34.83
CA LYS A 301 -1.72 -10.50 -35.57
C LYS A 301 -0.38 -10.50 -34.85
N TYR A 302 -0.36 -10.00 -33.63
CA TYR A 302 0.84 -10.02 -32.79
C TYR A 302 0.60 -11.04 -31.66
N SER A 303 1.15 -12.23 -31.83
CA SER A 303 0.76 -13.38 -31.04
C SER A 303 1.51 -13.52 -29.73
N PHE A 304 2.60 -12.80 -29.52
CA PHE A 304 3.50 -13.09 -28.40
C PHE A 304 3.75 -11.85 -27.57
N PHE A 305 3.86 -12.06 -26.25
CA PHE A 305 4.23 -11.02 -25.32
C PHE A 305 5.46 -11.45 -24.54
N ASN A 306 6.16 -10.46 -24.00
CA ASN A 306 7.40 -10.66 -23.27
C ASN A 306 7.12 -11.05 -21.83
N THR A 307 7.68 -12.18 -21.39
CA THR A 307 7.51 -12.67 -20.03
C THR A 307 8.41 -11.96 -19.02
N ASN A 308 9.42 -11.22 -19.49
CA ASN A 308 10.52 -10.65 -18.72
C ASN A 308 11.50 -11.70 -18.23
N ASN A 309 11.36 -12.96 -18.68
CA ASN A 309 12.47 -13.90 -18.60
C ASN A 309 13.43 -13.61 -19.74
N LEU A 310 14.68 -13.27 -19.42
CA LEU A 310 15.67 -12.86 -20.41
C LEU A 310 16.99 -13.59 -20.17
N TRP A 311 17.64 -14.00 -21.24
CA TRP A 311 18.98 -14.57 -21.18
C TRP A 311 19.92 -13.69 -21.98
N ILE A 312 20.99 -13.23 -21.35
CA ILE A 312 21.93 -12.30 -21.97
C ILE A 312 23.32 -12.91 -21.95
N ARG A 313 24.06 -12.73 -23.04
CA ARG A 313 25.46 -13.13 -23.10
C ARG A 313 26.31 -11.94 -22.65
N LEU A 314 26.87 -12.06 -21.44
CA LEU A 314 27.44 -10.87 -20.78
C LEU A 314 28.51 -10.16 -21.58
N PRO A 315 29.51 -10.83 -22.17
CA PRO A 315 30.55 -10.06 -22.87
C PRO A 315 30.03 -9.33 -24.10
N VAL A 316 29.02 -9.88 -24.77
CA VAL A 316 28.41 -9.15 -25.88
C VAL A 316 27.68 -7.91 -25.37
N LEU A 317 27.00 -8.04 -24.23
CA LEU A 317 26.40 -6.87 -23.57
C LEU A 317 27.44 -5.80 -23.28
N LEU A 318 28.58 -6.19 -22.71
CA LEU A 318 29.64 -5.21 -22.44
C LEU A 318 30.18 -4.61 -23.75
N GLU A 319 30.40 -5.44 -24.78
CA GLU A 319 30.91 -4.94 -26.06
C GLU A 319 29.98 -3.86 -26.64
N THR A 320 28.66 -4.18 -26.76
CA THR A 320 27.73 -3.21 -27.35
C THR A 320 27.51 -2.00 -26.42
N MET A 321 27.66 -2.18 -25.11
CA MET A 321 27.59 -1.03 -24.22
C MET A 321 28.81 -0.14 -24.34
N GLN A 322 29.96 -0.69 -24.74
CA GLN A 322 31.15 0.11 -24.99
C GLN A 322 31.14 0.75 -26.38
N GLU A 323 30.43 0.17 -27.34
CA GLU A 323 30.26 0.84 -28.62
C GLU A 323 29.49 2.16 -28.47
N HIS A 324 28.50 2.18 -27.59
CA HIS A 324 27.65 3.36 -27.42
C HIS A 324 28.03 4.19 -26.19
N GLY A 325 29.34 4.43 -26.01
CA GLY A 325 29.83 5.32 -24.97
C GLY A 325 29.42 4.95 -23.56
N GLY A 326 29.65 3.69 -23.16
CA GLY A 326 29.29 3.26 -21.81
C GLY A 326 27.81 3.32 -21.52
N THR A 327 26.97 2.97 -22.50
CA THR A 327 25.53 3.20 -22.42
C THR A 327 24.83 2.23 -23.34
N LEU A 328 23.63 1.80 -22.94
CA LEU A 328 22.74 1.00 -23.78
C LEU A 328 21.48 1.81 -24.03
N PRO A 329 21.42 2.61 -25.10
CA PRO A 329 20.29 3.53 -25.30
C PRO A 329 19.03 2.80 -25.75
N LEU A 330 18.00 2.83 -24.90
CA LEU A 330 16.76 2.10 -25.10
C LEU A 330 15.60 3.05 -25.37
N PRO A 331 14.59 2.61 -26.13
CA PRO A 331 13.39 3.43 -26.35
C PRO A 331 12.86 4.02 -25.05
N VAL A 332 12.51 5.31 -25.12
CA VAL A 332 12.13 6.10 -23.95
C VAL A 332 10.62 6.13 -23.83
N ILE A 333 10.11 5.72 -22.66
CA ILE A 333 8.71 5.91 -22.32
C ILE A 333 8.61 7.15 -21.45
N ARG A 334 7.83 8.13 -21.90
CA ARG A 334 7.55 9.33 -21.11
C ARG A 334 6.34 9.06 -20.24
N ASN A 335 6.53 9.07 -18.93
CA ASN A 335 5.40 8.96 -18.01
C ASN A 335 4.91 10.37 -17.67
N GLU A 336 3.68 10.67 -18.04
CA GLU A 336 3.04 11.90 -17.60
C GLU A 336 2.55 11.70 -16.18
N LYS A 337 3.13 12.44 -15.24
CA LYS A 337 2.71 12.36 -13.84
C LYS A 337 2.71 13.76 -13.26
N THR A 338 2.56 13.84 -11.94
CA THR A 338 2.85 15.03 -11.16
C THR A 338 3.93 14.65 -10.15
N VAL A 339 4.56 15.65 -9.54
CA VAL A 339 5.67 15.34 -8.64
C VAL A 339 5.17 14.53 -7.46
N ASP A 340 4.11 15.00 -6.81
CA ASP A 340 3.41 14.20 -5.81
C ASP A 340 2.34 13.41 -6.53
N SER A 341 2.58 12.11 -6.72
CA SER A 341 1.66 11.26 -7.47
C SER A 341 0.24 11.32 -6.93
N SER A 342 0.06 11.69 -5.66
CA SER A 342 -1.26 11.86 -5.06
C SER A 342 -1.83 13.25 -5.29
N ASN A 343 -0.99 14.27 -5.19
CA ASN A 343 -1.45 15.67 -5.24
C ASN A 343 -1.69 16.07 -6.68
N SER A 344 -2.97 16.10 -7.08
CA SER A 344 -3.29 16.46 -8.45
C SER A 344 -3.00 17.92 -8.78
N ALA A 345 -2.53 18.72 -7.82
CA ALA A 345 -2.17 20.10 -8.06
C ALA A 345 -0.66 20.33 -8.03
N SER A 346 0.13 19.26 -8.03
CA SER A 346 1.58 19.32 -8.06
C SER A 346 2.06 19.56 -9.49
N PRO A 347 3.25 20.15 -9.66
CA PRO A 347 3.77 20.38 -11.01
C PRO A 347 3.78 19.11 -11.87
N LYS A 348 3.16 19.21 -13.05
CA LYS A 348 3.18 18.10 -14.00
C LYS A 348 4.61 17.82 -14.46
N VAL A 349 4.95 16.54 -14.58
CA VAL A 349 6.33 16.10 -14.81
C VAL A 349 6.36 14.89 -15.74
N TYR A 350 7.56 14.60 -16.24
CA TYR A 350 7.88 13.40 -16.98
C TYR A 350 8.71 12.46 -16.13
N GLN A 351 8.36 11.19 -16.15
CA GLN A 351 9.20 10.13 -15.59
C GLN A 351 9.67 9.29 -16.76
N LEU A 352 10.96 9.42 -17.10
CA LEU A 352 11.52 8.69 -18.23
C LEU A 352 11.90 7.28 -17.81
N GLU A 353 11.25 6.28 -18.42
CA GLU A 353 11.55 4.89 -18.13
C GLU A 353 11.96 4.15 -19.39
N THR A 354 12.52 2.95 -19.19
CA THR A 354 12.85 2.02 -20.25
C THR A 354 12.50 0.61 -19.79
N ALA A 355 12.13 -0.24 -20.75
CA ALA A 355 11.83 -1.64 -20.47
C ALA A 355 13.07 -2.49 -20.78
N MET A 356 13.35 -3.46 -19.92
CA MET A 356 14.54 -4.28 -20.13
C MET A 356 14.38 -5.25 -21.29
N GLY A 357 13.17 -5.41 -21.84
CA GLY A 357 12.99 -6.22 -23.02
C GLY A 357 13.30 -5.48 -24.30
N ALA A 358 13.18 -4.16 -24.28
CA ALA A 358 13.53 -3.31 -25.43
C ALA A 358 14.98 -3.48 -25.85
N ALA A 359 15.82 -4.07 -24.99
CA ALA A 359 17.20 -4.34 -25.40
C ALA A 359 17.31 -5.41 -26.46
N ILE A 360 16.22 -6.14 -26.76
CA ILE A 360 16.29 -7.18 -27.78
C ILE A 360 16.61 -6.56 -29.14
N ALA A 361 16.19 -5.32 -29.37
CA ALA A 361 16.51 -4.63 -30.61
C ALA A 361 17.95 -4.18 -30.69
N MET A 362 18.67 -4.24 -29.57
CA MET A 362 20.02 -3.70 -29.49
C MET A 362 21.09 -4.68 -29.94
N PHE A 363 20.72 -5.92 -30.27
CA PHE A 363 21.70 -6.96 -30.53
C PHE A 363 21.56 -7.50 -31.95
N GLU A 364 22.72 -7.82 -32.54
CA GLU A 364 22.78 -8.30 -33.92
C GLU A 364 22.25 -9.72 -34.05
N SER A 365 22.45 -10.55 -33.03
CA SER A 365 21.87 -11.88 -32.97
C SER A 365 21.03 -11.96 -31.70
N ALA A 366 19.73 -11.69 -31.84
CA ALA A 366 18.77 -11.79 -30.77
C ALA A 366 17.59 -12.59 -31.25
N SER A 367 17.03 -13.44 -30.39
CA SER A 367 15.84 -14.17 -30.78
C SER A 367 14.90 -14.28 -29.59
N ALA A 368 13.68 -14.72 -29.89
CA ALA A 368 12.65 -15.00 -28.92
C ALA A 368 12.26 -16.46 -29.03
N ILE A 369 11.83 -17.04 -27.91
CA ILE A 369 11.51 -18.45 -27.85
C ILE A 369 10.20 -18.60 -27.07
N VAL A 370 9.19 -19.16 -27.73
CA VAL A 370 7.88 -19.34 -27.08
C VAL A 370 8.01 -20.38 -25.98
N VAL A 371 7.49 -20.06 -24.81
CA VAL A 371 7.61 -20.93 -23.64
C VAL A 371 6.21 -21.13 -23.07
N PRO A 372 6.01 -22.17 -22.26
CA PRO A 372 4.72 -22.35 -21.60
C PRO A 372 4.43 -21.23 -20.61
N ARG A 373 3.15 -20.99 -20.35
CA ARG A 373 2.74 -19.97 -19.41
C ARG A 373 3.09 -20.33 -17.98
N SER A 374 3.43 -21.59 -17.70
CA SER A 374 3.94 -21.95 -16.39
C SER A 374 5.23 -21.22 -16.04
N ARG A 375 5.99 -20.77 -17.05
CA ARG A 375 7.17 -19.95 -16.82
C ARG A 375 6.86 -18.47 -16.73
N PHE A 376 5.59 -18.09 -16.73
CA PHE A 376 5.16 -16.72 -16.50
C PHE A 376 3.97 -16.79 -15.54
N ALA A 377 4.27 -16.84 -14.24
CA ALA A 377 3.24 -16.89 -13.20
C ALA A 377 3.48 -15.80 -12.16
N PRO A 378 3.41 -14.53 -12.56
CA PRO A 378 3.77 -13.44 -11.64
C PRO A 378 2.65 -13.21 -10.63
N VAL A 379 2.98 -13.34 -9.35
CA VAL A 379 2.01 -13.08 -8.29
C VAL A 379 1.83 -11.56 -8.18
N LYS A 380 0.70 -11.06 -8.66
CA LYS A 380 0.38 -9.64 -8.56
C LYS A 380 -0.93 -9.38 -7.83
N THR A 381 -1.72 -10.43 -7.56
CA THR A 381 -3.01 -10.32 -6.91
C THR A 381 -3.05 -11.33 -5.77
N CYS A 382 -3.93 -11.07 -4.79
CA CYS A 382 -4.09 -12.04 -3.71
C CYS A 382 -4.62 -13.38 -4.23
N ALA A 383 -5.47 -13.33 -5.27
CA ALA A 383 -5.92 -14.55 -5.93
C ALA A 383 -4.74 -15.43 -6.35
N ASP A 384 -3.68 -14.80 -6.84
CA ASP A 384 -2.49 -15.54 -7.24
C ASP A 384 -1.96 -16.40 -6.11
N LEU A 385 -1.49 -15.78 -5.02
CA LEU A 385 -0.91 -16.59 -3.96
C LEU A 385 -1.94 -17.43 -3.22
N LEU A 386 -3.23 -17.20 -3.45
CA LEU A 386 -4.19 -18.23 -3.03
C LEU A 386 -4.04 -19.48 -3.87
N ALA A 387 -3.99 -19.31 -5.21
CA ALA A 387 -3.77 -20.47 -6.07
C ALA A 387 -2.45 -21.15 -5.77
N LEU A 388 -1.43 -20.37 -5.43
CA LEU A 388 -0.11 -20.94 -5.19
C LEU A 388 0.00 -21.55 -3.80
N ARG A 389 -0.73 -21.04 -2.83
CA ARG A 389 -0.66 -21.62 -1.49
C ARG A 389 -1.46 -22.92 -1.39
N SER A 390 -2.50 -23.06 -2.21
CA SER A 390 -3.23 -24.31 -2.25
C SER A 390 -2.36 -25.42 -2.83
N ASP A 391 -2.75 -26.66 -2.55
CA ASP A 391 -1.96 -27.82 -2.99
C ASP A 391 -1.99 -27.98 -4.50
N ALA A 392 -2.65 -27.06 -5.21
CA ALA A 392 -2.65 -27.11 -6.67
C ALA A 392 -1.23 -27.15 -7.23
N TYR A 393 -0.30 -26.51 -6.54
CA TYR A 393 1.11 -26.57 -6.89
C TYR A 393 1.85 -27.47 -5.90
N VAL A 394 2.96 -28.03 -6.35
CA VAL A 394 3.79 -28.89 -5.53
C VAL A 394 5.25 -28.51 -5.74
N VAL A 395 6.07 -28.79 -4.74
CA VAL A 395 7.49 -28.45 -4.77
C VAL A 395 8.27 -29.73 -5.04
N THR A 396 9.08 -29.70 -6.09
CA THR A 396 9.96 -30.82 -6.44
C THR A 396 11.21 -30.78 -5.58
N ASP A 397 12.08 -31.79 -5.76
CA ASP A 397 13.28 -31.89 -4.96
C ASP A 397 14.39 -30.95 -5.41
N ASP A 398 14.30 -30.40 -6.62
CA ASP A 398 15.15 -29.29 -7.00
C ASP A 398 14.54 -27.94 -6.62
N PHE A 399 13.49 -27.96 -5.80
CA PHE A 399 12.88 -26.79 -5.18
C PHE A 399 12.15 -25.90 -6.18
N ARG A 400 11.75 -26.45 -7.32
CA ARG A 400 10.88 -25.73 -8.23
C ARG A 400 9.43 -26.06 -7.92
N LEU A 401 8.54 -25.10 -8.20
CA LEU A 401 7.11 -25.31 -8.07
C LEU A 401 6.52 -25.71 -9.42
N TRP A 402 5.74 -26.78 -9.41
CA TRP A 402 5.05 -27.28 -10.59
C TRP A 402 3.57 -27.38 -10.28
N LEU A 403 2.77 -27.50 -11.33
CA LEU A 403 1.38 -27.90 -11.14
C LEU A 403 1.30 -29.38 -10.83
N ASP A 404 0.35 -29.74 -9.97
CA ASP A 404 0.08 -31.15 -9.78
C ASP A 404 -0.63 -31.69 -11.02
N ASP A 405 -0.53 -33.01 -11.21
CA ASP A 405 -1.03 -33.61 -12.43
C ASP A 405 -2.54 -33.75 -12.46
N ARG A 406 -3.21 -33.65 -11.31
CA ARG A 406 -4.66 -33.64 -11.31
C ARG A 406 -5.26 -32.37 -11.91
N CYS A 407 -4.42 -31.37 -12.19
CA CYS A 407 -4.89 -30.13 -12.82
C CYS A 407 -4.88 -30.22 -14.33
N HIS A 408 -3.99 -31.04 -14.90
CA HIS A 408 -3.88 -31.24 -16.35
C HIS A 408 -3.44 -29.98 -17.07
N GLY A 409 -2.51 -29.23 -16.47
CA GLY A 409 -1.96 -28.05 -17.08
C GLY A 409 -2.73 -26.77 -16.81
N HIS A 410 -4.03 -26.86 -16.58
CA HIS A 410 -4.83 -25.70 -16.23
C HIS A 410 -4.74 -25.45 -14.72
N PRO A 411 -4.16 -24.34 -14.28
CA PRO A 411 -4.25 -23.98 -12.86
C PRO A 411 -5.64 -23.51 -12.51
N PRO A 412 -6.02 -23.59 -11.22
CA PRO A 412 -7.37 -23.15 -10.84
C PRO A 412 -7.55 -21.66 -11.03
N VAL A 413 -8.79 -21.25 -11.25
CA VAL A 413 -9.14 -19.84 -11.42
C VAL A 413 -9.59 -19.31 -10.07
N VAL A 414 -8.93 -18.25 -9.59
CA VAL A 414 -9.24 -17.66 -8.30
C VAL A 414 -9.90 -16.32 -8.55
N ASP A 415 -11.18 -16.24 -8.21
CA ASP A 415 -12.01 -15.07 -8.44
C ASP A 415 -12.39 -14.52 -7.07
N LEU A 416 -11.45 -13.78 -6.48
CA LEU A 416 -11.64 -13.13 -5.19
C LEU A 416 -12.33 -11.79 -5.38
N ASP A 417 -13.16 -11.44 -4.41
CA ASP A 417 -13.83 -10.16 -4.39
C ASP A 417 -12.87 -9.04 -4.01
N SER A 418 -12.99 -7.94 -4.71
CA SER A 418 -12.18 -6.75 -4.53
C SER A 418 -12.46 -6.05 -3.22
N ALA A 419 -13.67 -6.12 -2.78
CA ALA A 419 -14.05 -5.45 -1.57
C ALA A 419 -13.35 -5.93 -0.34
N HIS A 420 -13.21 -7.23 -0.24
CA HIS A 420 -12.64 -7.83 0.92
C HIS A 420 -11.30 -8.49 0.78
N TYR A 421 -10.80 -8.66 -0.44
CA TYR A 421 -9.64 -9.50 -0.61
C TYR A 421 -8.58 -8.89 -1.52
N LYS A 422 -8.69 -7.61 -1.87
CA LYS A 422 -7.62 -6.98 -2.64
C LYS A 422 -6.41 -6.62 -1.78
N MET A 423 -6.58 -6.51 -0.47
CA MET A 423 -5.50 -6.22 0.44
C MET A 423 -5.01 -7.49 1.12
N MET A 424 -3.74 -7.48 1.54
CA MET A 424 -3.20 -8.62 2.27
C MET A 424 -3.85 -8.76 3.64
N ASN A 425 -3.87 -7.67 4.42
CA ASN A 425 -4.39 -7.74 5.79
C ASN A 425 -5.83 -8.25 5.85
N GLY A 426 -6.60 -8.09 4.78
CA GLY A 426 -7.92 -8.66 4.71
C GLY A 426 -7.90 -10.05 4.09
N PHE A 427 -6.82 -10.36 3.37
CA PHE A 427 -6.67 -11.69 2.78
C PHE A 427 -6.27 -12.72 3.84
N GLU A 428 -5.57 -12.29 4.89
CA GLU A 428 -5.20 -13.22 5.96
C GLU A 428 -6.44 -13.87 6.56
N LYS A 429 -7.49 -13.07 6.79
CA LYS A 429 -8.69 -13.58 7.44
C LYS A 429 -9.32 -14.72 6.65
N LEU A 430 -9.38 -14.56 5.32
CA LEU A 430 -10.06 -15.55 4.48
C LEU A 430 -9.41 -16.93 4.60
N VAL A 431 -8.10 -16.97 4.76
CA VAL A 431 -7.37 -18.24 4.83
C VAL A 431 -6.66 -18.36 6.17
N GLN A 432 -7.20 -17.71 7.20
CA GLN A 432 -6.54 -17.76 8.51
C GLN A 432 -6.67 -19.13 9.15
N HIS A 433 -7.77 -19.83 8.89
CA HIS A 433 -7.98 -21.16 9.48
C HIS A 433 -7.22 -22.22 8.71
N GLY A 434 -7.50 -22.34 7.41
CA GLY A 434 -6.75 -23.23 6.54
C GLY A 434 -6.77 -22.69 5.13
N VAL A 435 -6.01 -23.36 4.26
CA VAL A 435 -6.04 -23.09 2.83
C VAL A 435 -6.75 -24.26 2.16
N PRO A 436 -7.82 -24.03 1.39
CA PRO A 436 -8.59 -25.15 0.86
C PRO A 436 -7.85 -25.85 -0.27
N SER A 437 -8.29 -27.07 -0.56
CA SER A 437 -7.63 -27.92 -1.55
C SER A 437 -8.17 -27.59 -2.93
N LEU A 438 -7.35 -26.89 -3.73
CA LEU A 438 -7.70 -26.53 -5.10
C LEU A 438 -7.05 -27.45 -6.11
N VAL A 439 -6.82 -28.71 -5.74
CA VAL A 439 -6.07 -29.60 -6.62
C VAL A 439 -6.91 -30.04 -7.82
N GLU A 440 -8.23 -30.05 -7.67
CA GLU A 440 -9.13 -30.45 -8.75
C GLU A 440 -10.30 -29.48 -8.84
N CYS A 441 -10.00 -28.19 -8.78
CA CYS A 441 -11.00 -27.14 -8.88
C CYS A 441 -10.76 -26.32 -10.13
N LYS A 442 -11.81 -26.14 -10.92
CA LYS A 442 -11.71 -25.31 -12.12
C LYS A 442 -11.79 -23.83 -11.75
N ARG A 443 -12.79 -23.45 -10.94
CA ARG A 443 -12.98 -22.07 -10.54
C ARG A 443 -13.46 -21.98 -9.10
N VAL A 444 -12.90 -21.03 -8.37
CA VAL A 444 -13.39 -20.63 -7.05
C VAL A 444 -13.80 -19.17 -7.16
N THR A 445 -15.07 -18.89 -6.90
CA THR A 445 -15.59 -17.54 -6.84
C THR A 445 -15.99 -17.22 -5.41
N VAL A 446 -15.68 -16.02 -4.94
CA VAL A 446 -16.08 -15.59 -3.60
C VAL A 446 -16.48 -14.11 -3.67
N LYS A 447 -17.76 -13.82 -3.43
CA LYS A 447 -18.27 -12.47 -3.63
C LYS A 447 -18.51 -11.69 -2.35
N GLY A 448 -18.51 -12.34 -1.19
CA GLY A 448 -18.82 -11.68 0.06
C GLY A 448 -17.84 -12.03 1.16
N LEU A 449 -18.07 -11.44 2.33
CA LEU A 449 -17.22 -11.72 3.48
C LEU A 449 -17.37 -13.17 3.90
N VAL A 450 -16.25 -13.89 3.90
CA VAL A 450 -16.23 -15.34 4.12
C VAL A 450 -14.86 -15.68 4.68
N GLN A 451 -14.77 -16.80 5.40
CA GLN A 451 -13.48 -17.42 5.61
C GLN A 451 -13.65 -18.94 5.61
N PHE A 452 -12.66 -19.63 5.06
CA PHE A 452 -12.72 -21.08 4.94
C PHE A 452 -12.49 -21.72 6.31
N GLY A 453 -12.85 -23.00 6.40
CA GLY A 453 -12.59 -23.79 7.58
C GLY A 453 -11.23 -24.45 7.50
N ALA A 454 -11.19 -25.77 7.72
CA ALA A 454 -9.97 -26.53 7.62
C ALA A 454 -10.27 -27.86 6.95
N GLY A 455 -9.29 -28.38 6.22
CA GLY A 455 -9.52 -29.60 5.46
C GLY A 455 -10.58 -29.48 4.40
N ASN A 456 -10.85 -28.26 3.95
CA ASN A 456 -11.87 -28.05 2.93
C ASN A 456 -11.36 -28.52 1.57
N VAL A 457 -12.21 -29.24 0.85
CA VAL A 457 -11.89 -29.73 -0.49
C VAL A 457 -12.83 -29.05 -1.46
N LEU A 458 -12.25 -28.40 -2.47
CA LEU A 458 -13.01 -27.75 -3.53
C LEU A 458 -12.80 -28.53 -4.82
N THR A 459 -13.91 -28.95 -5.43
CA THR A 459 -13.87 -29.72 -6.66
C THR A 459 -14.74 -29.04 -7.71
N GLY A 460 -14.30 -29.09 -8.97
CA GLY A 460 -15.12 -28.53 -10.03
C GLY A 460 -15.23 -27.02 -9.89
N THR A 461 -16.41 -26.50 -10.21
CA THR A 461 -16.66 -25.06 -10.15
C THR A 461 -17.53 -24.76 -8.94
N VAL A 462 -17.01 -23.93 -8.04
CA VAL A 462 -17.72 -23.52 -6.84
C VAL A 462 -17.89 -22.01 -6.87
N THR A 463 -18.81 -21.52 -6.05
CA THR A 463 -19.06 -20.09 -5.87
C THR A 463 -19.65 -19.90 -4.49
N ILE A 464 -18.98 -19.12 -3.64
CA ILE A 464 -19.41 -18.91 -2.26
C ILE A 464 -19.99 -17.50 -2.14
N GLU A 465 -21.17 -17.41 -1.57
CA GLU A 465 -21.85 -16.14 -1.38
C GLU A 465 -22.23 -15.83 0.06
N ASN A 466 -22.07 -14.58 0.46
CA ASN A 466 -22.52 -14.08 1.77
C ASN A 466 -23.18 -12.77 1.44
N THR A 467 -24.32 -12.86 0.80
CA THR A 467 -25.10 -11.75 0.27
C THR A 467 -25.55 -10.69 1.28
N ASP A 468 -25.99 -11.22 2.38
CA ASP A 468 -26.46 -10.48 3.50
C ASP A 468 -25.33 -9.66 4.14
N SER A 469 -24.14 -10.23 4.17
CA SER A 469 -22.91 -9.67 4.76
C SER A 469 -22.98 -9.49 6.25
N ALA A 470 -23.82 -10.26 6.93
CA ALA A 470 -23.98 -10.05 8.35
C ALA A 470 -22.70 -10.28 9.09
N SER A 471 -22.15 -11.48 8.92
CA SER A 471 -20.91 -11.88 9.60
C SER A 471 -20.15 -12.90 8.76
N ALA A 472 -18.87 -13.09 9.06
CA ALA A 472 -18.10 -14.02 8.30
C ALA A 472 -18.86 -15.29 8.16
N PHE A 473 -18.97 -15.77 6.94
CA PHE A 473 -19.63 -17.03 6.72
C PHE A 473 -18.53 -18.07 6.82
N VAL A 474 -18.06 -18.39 8.00
CA VAL A 474 -17.01 -19.37 8.02
C VAL A 474 -17.63 -20.62 7.49
N ILE A 475 -16.93 -21.25 6.58
CA ILE A 475 -17.44 -22.48 5.95
C ILE A 475 -17.23 -23.64 6.92
N PRO A 476 -18.14 -24.61 6.96
CA PRO A 476 -18.01 -25.71 7.93
C PRO A 476 -16.69 -26.46 7.74
N ASP A 477 -16.11 -26.89 8.86
CA ASP A 477 -14.85 -27.61 8.80
C ASP A 477 -15.05 -29.02 8.28
N GLY A 478 -14.00 -29.57 7.69
CA GLY A 478 -14.08 -30.87 7.05
C GLY A 478 -15.00 -30.90 5.86
N ALA A 479 -15.20 -29.76 5.20
CA ALA A 479 -16.18 -29.67 4.12
C ALA A 479 -15.65 -30.32 2.84
N LYS A 480 -16.56 -30.52 1.90
CA LYS A 480 -16.23 -31.16 0.62
C LYS A 480 -17.27 -30.68 -0.39
N LEU A 481 -16.91 -29.68 -1.18
CA LEU A 481 -17.86 -28.99 -2.06
C LEU A 481 -17.41 -29.20 -3.50
N ASN A 482 -18.17 -30.01 -4.24
CA ASN A 482 -17.99 -30.18 -5.68
C ASN A 482 -19.21 -29.61 -6.39
N ASP A 483 -18.98 -28.63 -7.28
CA ASP A 483 -20.05 -28.00 -8.06
C ASP A 483 -21.10 -27.33 -7.20
N THR A 484 -20.78 -27.09 -5.93
CA THR A 484 -21.74 -26.68 -4.92
C THR A 484 -21.64 -25.19 -4.66
N THR A 485 -22.80 -24.54 -4.53
CA THR A 485 -22.89 -23.17 -4.05
C THR A 485 -23.13 -23.15 -2.55
N ALA A 486 -22.63 -22.11 -1.88
CA ALA A 486 -22.71 -22.05 -0.41
C ALA A 486 -23.11 -20.63 0.00
N SER A 487 -24.36 -20.47 0.43
CA SER A 487 -24.85 -19.25 1.05
C SER A 487 -25.26 -19.57 2.48
N PRO A 488 -25.62 -18.58 3.31
CA PRO A 488 -26.14 -18.98 4.62
C PRO A 488 -27.54 -19.59 4.55
N SER B 7 8.58 -9.06 40.79
CA SER B 7 8.10 -10.43 40.84
C SER B 7 6.69 -10.51 40.29
N LEU B 8 6.76 -10.78 38.99
CA LEU B 8 5.68 -10.96 38.05
C LEU B 8 5.77 -12.34 37.47
N SER B 9 5.17 -12.53 36.34
CA SER B 9 5.24 -13.77 35.62
C SER B 9 6.56 -13.90 34.91
N ALA B 10 6.90 -15.11 34.54
CA ALA B 10 8.13 -15.34 33.81
C ALA B 10 8.11 -14.68 32.47
N ALA B 11 6.99 -14.77 31.78
CA ALA B 11 6.73 -14.15 30.50
C ALA B 11 6.67 -12.66 30.56
N ALA B 12 6.04 -12.11 31.57
CA ALA B 12 5.94 -10.68 31.80
C ALA B 12 7.29 -10.07 32.08
N GLN B 13 8.12 -10.80 32.78
CA GLN B 13 9.47 -10.44 33.07
C GLN B 13 10.31 -10.36 31.82
N ALA B 14 10.06 -11.26 30.89
CA ALA B 14 10.73 -11.32 29.63
C ALA B 14 10.45 -10.15 28.76
N CYS B 15 9.22 -9.71 28.77
CA CYS B 15 8.77 -8.52 28.10
C CYS B 15 9.32 -7.30 28.73
N VAL B 16 9.44 -7.30 30.04
CA VAL B 16 9.98 -6.18 30.75
C VAL B 16 11.39 -6.03 30.32
N LYS B 17 12.17 -7.13 30.29
CA LYS B 17 13.57 -7.05 29.88
C LYS B 17 13.69 -6.57 28.43
N LYS B 18 12.77 -7.02 27.57
CA LYS B 18 12.77 -6.57 26.17
C LYS B 18 12.53 -5.07 26.07
N MET B 19 11.43 -4.58 26.66
CA MET B 19 11.10 -3.16 26.58
C MET B 19 12.15 -2.27 27.24
N ARG B 20 12.77 -2.74 28.33
CA ARG B 20 13.80 -1.95 28.99
C ARG B 20 15.08 -1.91 28.16
N ASP B 21 15.40 -3.03 27.49
CA ASP B 21 16.60 -3.05 26.64
C ASP B 21 16.46 -2.13 25.45
N ALA B 22 15.26 -1.99 24.90
CA ALA B 22 15.01 -1.10 23.77
C ALA B 22 14.73 0.34 24.22
N LYS B 23 14.67 0.58 25.53
CA LYS B 23 14.48 1.91 26.11
C LYS B 23 13.07 2.47 25.86
N VAL B 24 12.07 1.62 26.07
CA VAL B 24 10.70 2.11 26.20
C VAL B 24 10.60 2.92 27.48
N ASN B 25 9.71 3.92 27.50
CA ASN B 25 9.54 4.68 28.73
C ASN B 25 8.74 3.86 29.74
N GLU B 26 8.72 4.36 30.98
CA GLU B 26 8.19 3.55 32.08
C GLU B 26 6.66 3.47 32.05
N ALA B 27 5.98 4.56 31.68
CA ALA B 27 4.52 4.52 31.65
C ALA B 27 4.03 3.45 30.70
N CYS B 28 4.69 3.35 29.52
CA CYS B 28 4.30 2.34 28.54
C CYS B 28 4.61 0.95 29.04
N ILE B 29 5.73 0.76 29.74
CA ILE B 29 6.06 -0.55 30.29
C ILE B 29 5.03 -0.95 31.34
N ARG B 30 4.71 -0.04 32.26
CA ARG B 30 3.71 -0.33 33.29
C ARG B 30 2.36 -0.68 32.67
N THR B 31 1.86 0.16 31.75
CA THR B 31 0.59 -0.13 31.10
C THR B 31 0.63 -1.50 30.44
N PHE B 32 1.71 -1.79 29.70
CA PHE B 32 1.81 -3.09 29.03
C PHE B 32 1.86 -4.24 30.02
N ILE B 33 2.51 -4.05 31.17
CA ILE B 33 2.57 -5.12 32.17
C ILE B 33 1.19 -5.39 32.75
N ALA B 34 0.44 -4.33 33.06
CA ALA B 34 -0.93 -4.52 33.53
C ALA B 34 -1.78 -5.24 32.50
N GLN B 35 -1.66 -4.86 31.23
CA GLN B 35 -2.41 -5.53 30.18
C GLN B 35 -2.03 -7.00 30.11
N HIS B 36 -0.73 -7.28 30.10
CA HIS B 36 -0.23 -8.65 30.03
C HIS B 36 -0.72 -9.49 31.20
N VAL B 37 -0.69 -8.94 32.41
CA VAL B 37 -1.21 -9.67 33.56
C VAL B 37 -2.70 -9.93 33.40
N MET B 38 -3.42 -8.98 32.81
CA MET B 38 -4.83 -9.17 32.54
C MET B 38 -5.07 -10.33 31.58
N VAL B 39 -4.32 -10.37 30.47
CA VAL B 39 -4.59 -11.41 29.47
C VAL B 39 -4.08 -12.77 29.94
N SER B 40 -3.07 -12.78 30.83
CA SER B 40 -2.61 -14.05 31.38
C SER B 40 -3.52 -14.55 32.49
N LYS B 41 -4.30 -13.67 33.12
CA LYS B 41 -5.32 -14.10 34.07
C LYS B 41 -6.40 -14.92 33.38
N GLY B 42 -6.47 -14.88 32.05
CA GLY B 42 -7.37 -15.74 31.31
C GLY B 42 -8.73 -15.16 31.03
N GLU B 43 -8.82 -13.84 30.87
CA GLU B 43 -10.11 -13.19 30.72
C GLU B 43 -10.68 -13.37 29.33
N THR B 44 -12.01 -13.37 29.25
CA THR B 44 -12.67 -13.34 27.96
C THR B 44 -12.67 -11.94 27.35
N GLY B 45 -12.63 -10.90 28.19
CA GLY B 45 -12.68 -9.53 27.74
C GLY B 45 -13.99 -9.10 27.13
N SER B 46 -15.03 -9.92 27.21
CA SER B 46 -16.28 -9.66 26.52
C SER B 46 -17.19 -8.77 27.34
N ILE B 47 -18.25 -8.27 26.70
CA ILE B 47 -19.24 -7.41 27.31
C ILE B 47 -20.62 -7.90 26.92
N PRO B 48 -21.31 -8.66 27.76
CA PRO B 48 -22.62 -9.20 27.36
C PRO B 48 -23.70 -8.14 27.40
N ASP B 49 -24.73 -8.35 26.58
CA ASP B 49 -25.90 -7.48 26.64
C ASP B 49 -26.46 -7.42 28.05
N SER B 50 -26.27 -8.48 28.83
CA SER B 50 -26.80 -8.59 30.17
C SER B 50 -26.03 -7.76 31.20
N ALA B 51 -25.01 -7.02 30.77
CA ALA B 51 -24.25 -6.16 31.66
C ALA B 51 -24.33 -4.69 31.28
N ILE B 52 -25.04 -4.35 30.21
CA ILE B 52 -25.09 -3.00 29.69
C ILE B 52 -26.51 -2.68 29.25
N MET B 53 -26.87 -1.41 29.36
CA MET B 53 -28.14 -0.89 28.90
C MET B 53 -27.92 0.09 27.76
N PRO B 54 -28.85 0.17 26.81
CA PRO B 54 -28.79 1.25 25.82
C PRO B 54 -28.93 2.61 26.49
N VAL B 55 -28.24 3.59 25.92
CA VAL B 55 -28.44 4.99 26.29
C VAL B 55 -29.81 5.44 25.78
N ASP B 56 -30.59 6.09 26.64
CA ASP B 56 -31.89 6.60 26.20
C ASP B 56 -31.69 7.65 25.12
N SER B 57 -31.17 8.82 25.49
CA SER B 57 -30.89 9.88 24.55
C SER B 57 -29.99 10.90 25.23
N LEU B 58 -29.25 11.66 24.41
CA LEU B 58 -28.28 12.61 24.91
C LEU B 58 -28.51 13.96 24.24
N ASP B 59 -28.03 15.01 24.88
CA ASP B 59 -28.17 16.34 24.32
C ASP B 59 -27.47 16.41 22.96
N ALA B 60 -28.05 17.16 22.04
CA ALA B 60 -27.53 17.29 20.68
C ALA B 60 -26.71 18.56 20.56
N LEU B 61 -25.66 18.49 19.73
CA LEU B 61 -24.89 19.70 19.43
C LEU B 61 -25.72 20.71 18.66
N ASP B 62 -26.58 20.23 17.75
CA ASP B 62 -27.40 21.13 16.95
C ASP B 62 -28.50 21.81 17.75
N SER B 63 -28.72 21.39 19.00
CA SER B 63 -29.59 22.11 19.91
C SER B 63 -28.81 23.04 20.84
N LEU B 64 -27.51 23.24 20.58
CA LEU B 64 -26.69 24.18 21.32
C LEU B 64 -26.54 25.46 20.52
N THR B 65 -26.32 26.57 21.24
CA THR B 65 -26.14 27.87 20.60
C THR B 65 -25.21 28.81 21.33
N ILE B 66 -24.68 28.45 22.50
CA ILE B 66 -23.84 29.35 23.29
C ILE B 66 -22.38 28.97 23.10
N GLU B 67 -21.54 29.96 22.89
CA GLU B 67 -20.12 29.74 22.69
C GLU B 67 -19.34 30.03 23.96
N CYS B 68 -18.23 29.31 24.12
CA CYS B 68 -17.28 29.62 25.17
C CYS B 68 -16.63 30.96 24.92
N ASP B 69 -15.95 31.47 25.94
CA ASP B 69 -15.16 32.67 25.77
C ASP B 69 -13.86 32.33 25.06
N ASN B 70 -13.21 33.35 24.51
CA ASN B 70 -11.90 33.12 23.94
C ASN B 70 -10.89 32.72 25.01
N ALA B 71 -11.18 33.03 26.27
CA ALA B 71 -10.25 32.72 27.35
C ALA B 71 -10.10 31.21 27.52
N VAL B 72 -11.18 30.45 27.37
CA VAL B 72 -11.05 29.00 27.44
C VAL B 72 -10.29 28.49 26.22
N LEU B 73 -10.52 29.10 25.05
CA LEU B 73 -9.81 28.70 23.83
C LEU B 73 -8.32 28.92 23.97
N GLN B 74 -7.90 29.92 24.74
CA GLN B 74 -6.49 30.18 24.98
C GLN B 74 -5.80 29.04 25.69
N SER B 75 -6.54 28.25 26.47
CA SER B 75 -5.97 27.14 27.21
C SER B 75 -6.39 25.79 26.62
N THR B 76 -6.58 25.77 25.30
CA THR B 76 -6.98 24.57 24.58
C THR B 76 -5.84 24.08 23.69
N VAL B 77 -5.71 22.75 23.61
CA VAL B 77 -4.79 22.09 22.71
C VAL B 77 -5.61 21.24 21.75
N VAL B 78 -5.39 21.44 20.46
CA VAL B 78 -5.91 20.55 19.42
C VAL B 78 -4.83 19.51 19.15
N LEU B 79 -5.20 18.24 19.28
CA LEU B 79 -4.29 17.12 19.01
C LEU B 79 -4.90 16.31 17.88
N LYS B 80 -4.16 16.13 16.80
CA LYS B 80 -4.65 15.37 15.66
C LYS B 80 -3.89 14.05 15.57
N LEU B 81 -4.61 12.99 15.24
CA LEU B 81 -4.00 11.67 15.11
C LEU B 81 -3.43 11.52 13.71
N ASN B 82 -2.11 11.37 13.63
CA ASN B 82 -1.38 11.44 12.38
C ASN B 82 -0.47 10.22 12.16
N GLY B 83 -0.78 9.10 12.78
CA GLY B 83 0.12 7.97 12.72
C GLY B 83 -0.14 6.96 11.63
N GLY B 84 -1.18 7.16 10.81
CA GLY B 84 -1.57 6.19 9.82
C GLY B 84 -0.93 6.40 8.46
N LEU B 85 -1.19 5.44 7.58
CA LEU B 85 -0.71 5.46 6.21
C LEU B 85 -1.89 5.15 5.28
N GLY B 86 -1.73 5.55 4.02
CA GLY B 86 -2.80 5.35 3.06
C GLY B 86 -2.79 3.99 2.41
N THR B 87 -2.49 2.95 3.18
CA THR B 87 -2.44 1.59 2.64
C THR B 87 -3.76 1.19 2.02
N GLY B 88 -4.89 1.65 2.58
CA GLY B 88 -6.18 1.32 2.01
C GLY B 88 -6.40 1.93 0.63
N MET B 89 -5.70 3.02 0.33
CA MET B 89 -5.76 3.65 -0.99
C MET B 89 -4.45 3.49 -1.75
N GLY B 90 -3.59 2.57 -1.31
CA GLY B 90 -2.38 2.23 -2.04
C GLY B 90 -1.19 3.14 -1.80
N LEU B 91 -1.32 4.14 -0.94
CA LEU B 91 -0.22 5.04 -0.63
C LEU B 91 0.63 4.47 0.50
N CYS B 92 1.94 4.74 0.43
CA CYS B 92 2.81 4.52 1.57
C CYS B 92 3.23 5.83 2.22
N ASP B 93 2.70 6.96 1.76
CA ASP B 93 2.83 8.23 2.46
C ASP B 93 1.81 8.30 3.61
N ALA B 94 1.98 9.29 4.48
CA ALA B 94 1.02 9.49 5.57
C ALA B 94 -0.29 10.04 5.04
N LYS B 95 -1.41 9.51 5.57
CA LYS B 95 -2.71 9.82 5.00
C LYS B 95 -3.08 11.29 5.14
N THR B 96 -2.64 11.95 6.21
CA THR B 96 -2.95 13.38 6.38
C THR B 96 -2.34 14.25 5.29
N LEU B 97 -1.31 13.75 4.60
CA LEU B 97 -0.66 14.49 3.51
C LEU B 97 -1.29 14.21 2.15
N LEU B 98 -2.53 13.75 2.11
CA LEU B 98 -3.23 13.52 0.85
C LEU B 98 -4.02 14.77 0.51
N GLU B 99 -3.88 15.26 -0.72
CA GLU B 99 -4.59 16.47 -1.12
C GLU B 99 -6.08 16.19 -1.22
N VAL B 100 -6.88 17.07 -0.61
CA VAL B 100 -8.32 16.90 -0.56
C VAL B 100 -9.07 17.97 -1.36
N LYS B 101 -8.50 19.16 -1.53
CA LYS B 101 -9.10 20.21 -2.34
C LYS B 101 -8.07 21.32 -2.53
N ASP B 102 -7.97 21.82 -3.77
CA ASP B 102 -7.13 22.97 -4.10
C ASP B 102 -5.70 22.78 -3.60
N GLY B 103 -5.10 21.67 -3.98
CA GLY B 103 -3.70 21.42 -3.64
C GLY B 103 -3.42 21.39 -2.16
N LYS B 104 -4.43 21.14 -1.34
CA LYS B 104 -4.30 21.18 0.11
C LYS B 104 -4.75 19.85 0.72
N THR B 105 -4.07 19.47 1.79
CA THR B 105 -4.25 18.20 2.46
C THR B 105 -5.07 18.38 3.73
N PHE B 106 -5.35 17.26 4.43
CA PHE B 106 -5.95 17.35 5.76
C PHE B 106 -5.08 18.21 6.67
N LEU B 107 -3.77 18.06 6.56
CA LEU B 107 -2.85 18.83 7.40
C LEU B 107 -2.85 20.30 7.03
N ASP B 108 -3.00 20.62 5.73
CA ASP B 108 -3.16 22.00 5.33
C ASP B 108 -4.38 22.63 6.00
N PHE B 109 -5.49 21.90 6.00
CA PHE B 109 -6.73 22.47 6.51
C PHE B 109 -6.69 22.62 8.02
N THR B 110 -6.26 21.57 8.73
CA THR B 110 -6.14 21.68 10.17
C THR B 110 -5.21 22.83 10.54
N ALA B 111 -4.05 22.92 9.87
CA ALA B 111 -3.10 23.99 10.16
C ALA B 111 -3.72 25.36 9.95
N LEU B 112 -4.41 25.57 8.82
CA LEU B 112 -4.97 26.88 8.53
C LEU B 112 -6.14 27.21 9.47
N GLN B 113 -6.88 26.21 9.90
CA GLN B 113 -7.92 26.43 10.91
C GLN B 113 -7.31 26.90 12.23
N VAL B 114 -6.23 26.25 12.65
CA VAL B 114 -5.62 26.63 13.93
C VAL B 114 -4.96 27.99 13.81
N GLN B 115 -4.40 28.33 12.65
CA GLN B 115 -3.82 29.65 12.51
C GLN B 115 -4.91 30.73 12.42
N TYR B 116 -6.06 30.40 11.84
CA TYR B 116 -7.17 31.35 11.83
C TYR B 116 -7.65 31.62 13.26
N LEU B 117 -7.88 30.55 14.03
CA LEU B 117 -8.26 30.73 15.44
C LEU B 117 -7.19 31.48 16.21
N ARG B 118 -5.93 31.29 15.83
CA ARG B 118 -4.86 32.01 16.51
C ARG B 118 -4.90 33.49 16.22
N GLN B 119 -5.21 33.87 14.97
CA GLN B 119 -5.20 35.28 14.60
C GLN B 119 -6.47 36.00 15.03
N HIS B 120 -7.60 35.30 15.12
CA HIS B 120 -8.88 35.94 15.37
C HIS B 120 -9.45 35.70 16.75
N CYS B 121 -8.99 34.67 17.48
CA CYS B 121 -9.58 34.32 18.77
C CYS B 121 -8.56 34.24 19.89
N SER B 122 -7.59 33.34 19.77
CA SER B 122 -6.73 32.97 20.89
C SER B 122 -5.36 32.62 20.37
N GLU B 123 -4.36 33.44 20.70
CA GLU B 123 -3.01 33.24 20.17
C GLU B 123 -2.25 32.11 20.85
N HIS B 124 -2.76 31.58 21.97
CA HIS B 124 -2.09 30.51 22.70
C HIS B 124 -2.58 29.11 22.32
N LEU B 125 -3.53 29.02 21.38
CA LEU B 125 -4.13 27.73 21.03
C LEU B 125 -3.08 26.78 20.49
N ARG B 126 -2.91 25.64 21.17
CA ARG B 126 -1.79 24.78 20.84
C ARG B 126 -2.18 23.71 19.83
N PHE B 127 -1.23 23.32 19.00
CA PHE B 127 -1.43 22.30 17.97
C PHE B 127 -0.42 21.18 18.16
N MET B 128 -0.91 19.95 18.22
CA MET B 128 -0.07 18.78 18.40
C MET B 128 -0.51 17.68 17.44
N LEU B 129 0.39 16.73 17.22
CA LEU B 129 0.15 15.60 16.32
C LEU B 129 0.69 14.33 16.94
N MET B 130 -0.13 13.27 16.93
CA MET B 130 0.30 11.92 17.27
C MET B 130 1.01 11.34 16.05
N ASP B 131 2.32 11.17 16.13
CA ASP B 131 3.11 10.72 14.99
C ASP B 131 3.81 9.41 15.29
N SER B 132 3.75 8.50 14.32
CA SER B 132 4.49 7.25 14.35
C SER B 132 5.87 7.48 13.71
N PHE B 133 6.66 6.41 13.66
CA PHE B 133 7.93 6.48 12.95
C PHE B 133 7.73 6.63 11.45
N ASN B 134 6.65 6.07 10.92
CA ASN B 134 6.44 6.10 9.47
C ASN B 134 6.04 7.49 8.98
N THR B 135 5.36 8.29 9.81
CA THR B 135 4.80 9.56 9.37
C THR B 135 5.54 10.79 9.87
N SER B 136 6.51 10.61 10.80
CA SER B 136 7.17 11.75 11.43
C SER B 136 7.93 12.60 10.42
N ALA B 137 8.84 11.98 9.66
CA ALA B 137 9.69 12.74 8.76
C ALA B 137 8.88 13.41 7.66
N SER B 138 7.87 12.71 7.11
CA SER B 138 7.05 13.33 6.09
C SER B 138 6.31 14.54 6.65
N THR B 139 5.65 14.37 7.80
CA THR B 139 5.00 15.49 8.47
C THR B 139 5.95 16.66 8.65
N LYS B 140 7.18 16.38 9.09
CA LYS B 140 8.11 17.46 9.42
C LYS B 140 8.63 18.16 8.16
N SER B 141 8.92 17.39 7.12
CA SER B 141 9.30 17.96 5.83
C SER B 141 8.18 18.86 5.29
N PHE B 142 6.93 18.41 5.41
CA PHE B 142 5.77 19.20 5.04
C PHE B 142 5.75 20.53 5.80
N LEU B 143 5.84 20.48 7.13
CA LEU B 143 5.80 21.71 7.92
C LEU B 143 6.97 22.63 7.61
N LYS B 144 8.14 22.06 7.34
CA LYS B 144 9.27 22.91 6.97
C LYS B 144 9.00 23.68 5.70
N ALA B 145 8.37 23.02 4.71
CA ALA B 145 8.07 23.75 3.47
C ALA B 145 6.94 24.75 3.67
N ARG B 146 5.83 24.34 4.31
CA ARG B 146 4.57 25.06 4.18
C ARG B 146 4.11 25.84 5.40
N TYR B 147 4.48 25.45 6.62
CA TYR B 147 4.03 26.15 7.83
C TYR B 147 5.18 26.33 8.80
N PRO B 148 6.09 27.28 8.51
CA PRO B 148 7.35 27.35 9.28
C PRO B 148 7.17 27.59 10.76
N TRP B 149 6.08 28.24 11.18
CA TRP B 149 5.88 28.45 12.62
C TRP B 149 5.73 27.12 13.34
N LEU B 150 4.99 26.18 12.74
CA LEU B 150 4.89 24.85 13.33
C LEU B 150 6.23 24.10 13.27
N TYR B 151 6.97 24.29 12.18
CA TYR B 151 8.25 23.59 12.06
C TYR B 151 9.24 24.06 13.12
N GLN B 152 9.17 25.33 13.51
CA GLN B 152 10.14 25.87 14.46
C GLN B 152 10.09 25.16 15.80
N VAL B 153 8.92 24.67 16.21
CA VAL B 153 8.78 24.02 17.50
C VAL B 153 8.30 22.57 17.37
N PHE B 154 8.49 21.97 16.19
CA PHE B 154 7.91 20.65 15.92
C PHE B 154 8.41 19.61 16.92
N ASP B 155 9.68 19.66 17.27
CA ASP B 155 10.21 18.70 18.23
C ASP B 155 9.90 19.07 19.68
N SER B 156 9.63 20.35 19.96
CA SER B 156 9.30 20.77 21.32
C SER B 156 7.79 20.66 21.59
N GLU B 157 6.96 21.42 20.87
CA GLU B 157 5.53 21.39 21.12
C GLU B 157 4.78 20.33 20.30
N VAL B 158 4.97 20.31 18.98
CA VAL B 158 3.94 19.78 18.08
C VAL B 158 3.90 18.26 18.13
N GLU B 159 5.01 17.59 17.85
CA GLU B 159 4.98 16.15 17.69
C GLU B 159 4.89 15.43 19.04
N LEU B 160 4.08 14.38 19.06
CA LEU B 160 3.99 13.46 20.18
C LEU B 160 4.20 12.05 19.63
N MET B 161 5.35 11.46 19.92
CA MET B 161 5.68 10.17 19.34
C MET B 161 4.81 9.07 19.90
N GLN B 162 4.17 8.31 19.02
CA GLN B 162 3.59 7.04 19.42
C GLN B 162 4.70 6.10 19.86
N ASN B 163 4.37 5.12 20.69
CA ASN B 163 5.35 4.15 21.10
C ASN B 163 4.79 2.74 20.93
N GLN B 164 5.67 1.83 20.52
CA GLN B 164 5.31 0.46 20.22
C GLN B 164 5.41 -0.40 21.47
N VAL B 165 4.69 -1.51 21.45
CA VAL B 165 4.74 -2.54 22.48
C VAL B 165 4.97 -3.88 21.80
N PRO B 166 5.57 -4.85 22.50
CA PRO B 166 5.92 -6.12 21.86
C PRO B 166 4.76 -7.11 21.76
N LYS B 167 4.68 -7.77 20.62
CA LYS B 167 3.71 -8.85 20.41
C LYS B 167 4.14 -10.08 21.20
N ILE B 168 3.17 -10.78 21.78
CA ILE B 168 3.48 -11.87 22.69
C ILE B 168 2.93 -13.18 22.13
N LEU B 169 3.61 -14.27 22.43
CA LEU B 169 3.25 -15.58 21.89
C LEU B 169 1.93 -16.04 22.47
N GLN B 170 1.06 -16.59 21.60
CA GLN B 170 -0.28 -16.93 22.05
C GLN B 170 -0.25 -18.02 23.13
N ASP B 171 0.67 -18.98 23.00
CA ASP B 171 0.66 -20.12 23.92
C ASP B 171 1.31 -19.79 25.27
N THR B 172 2.42 -19.05 25.26
CA THR B 172 3.15 -18.78 26.49
C THR B 172 3.17 -17.32 26.91
N LEU B 173 2.68 -16.40 26.07
CA LEU B 173 2.67 -14.96 26.32
C LEU B 173 4.08 -14.40 26.47
N GLU B 174 5.09 -15.15 26.05
CA GLU B 174 6.45 -14.64 25.95
C GLU B 174 6.55 -13.67 24.78
N PRO B 175 7.50 -12.73 24.83
CA PRO B 175 7.68 -11.82 23.68
C PRO B 175 8.17 -12.59 22.46
N ALA B 176 7.55 -12.31 21.31
CA ALA B 176 7.73 -13.11 20.11
C ALA B 176 9.03 -12.75 19.38
N ALA B 177 9.51 -13.69 18.57
CA ALA B 177 10.84 -13.63 17.95
C ALA B 177 10.73 -13.81 16.45
N TRP B 178 11.27 -12.85 15.70
CA TRP B 178 11.28 -12.90 14.23
C TRP B 178 12.61 -12.31 13.75
N ALA B 179 13.59 -13.19 13.51
CA ALA B 179 14.93 -12.74 13.14
C ALA B 179 15.00 -12.22 11.71
N GLU B 180 14.18 -12.77 10.80
CA GLU B 180 14.12 -12.27 9.43
C GLU B 180 13.92 -10.76 9.38
N ASN B 181 13.19 -10.22 10.35
CA ASN B 181 12.98 -8.78 10.48
C ASN B 181 12.57 -8.48 11.92
N PRO B 182 13.51 -8.04 12.76
CA PRO B 182 13.17 -7.84 14.19
C PRO B 182 12.25 -6.67 14.45
N ALA B 183 11.93 -5.86 13.43
CA ALA B 183 10.92 -4.83 13.60
C ALA B 183 9.54 -5.44 13.74
N TYR B 184 9.32 -6.63 13.18
CA TYR B 184 8.00 -7.25 13.25
C TYR B 184 7.64 -7.70 14.66
N GLU B 185 8.62 -7.82 15.54
CA GLU B 185 8.41 -8.12 16.96
C GLU B 185 7.77 -6.96 17.71
N TRP B 186 7.33 -5.89 17.07
CA TRP B 186 6.69 -4.77 17.75
C TRP B 186 5.46 -4.32 16.96
N ALA B 187 4.49 -3.78 17.68
CA ALA B 187 3.27 -3.24 17.08
C ALA B 187 2.82 -2.05 17.91
N PRO B 188 2.04 -1.14 17.33
CA PRO B 188 1.45 -0.06 18.12
C PRO B 188 0.30 -0.57 18.96
N PRO B 189 0.01 0.05 20.11
CA PRO B 189 -1.01 -0.50 21.00
C PRO B 189 -2.37 0.17 20.85
N GLY B 190 -2.71 0.58 19.63
CA GLY B 190 -3.99 1.22 19.37
C GLY B 190 -3.95 2.72 19.66
N HIS B 191 -4.98 3.41 19.19
CA HIS B 191 -5.05 4.85 19.43
C HIS B 191 -5.19 5.15 20.93
N GLY B 192 -5.68 4.20 21.73
CA GLY B 192 -5.72 4.38 23.17
C GLY B 192 -4.37 4.62 23.80
N ASP B 193 -3.29 4.32 23.07
CA ASP B 193 -1.94 4.64 23.53
C ASP B 193 -1.75 6.13 23.80
N ILE B 194 -2.61 6.97 23.22
CA ILE B 194 -2.44 8.43 23.28
C ILE B 194 -2.17 8.89 24.70
N TYR B 195 -3.01 8.43 25.65
CA TYR B 195 -2.87 8.86 27.03
C TYR B 195 -1.52 8.42 27.61
N THR B 196 -1.19 7.13 27.46
CA THR B 196 0.12 6.66 27.88
C THR B 196 1.23 7.50 27.26
N ALA B 197 1.00 8.01 26.05
CA ALA B 197 2.02 8.81 25.38
C ALA B 197 2.07 10.22 25.94
N LEU B 198 0.93 10.81 26.27
CA LEU B 198 0.94 12.17 26.80
C LEU B 198 1.56 12.20 28.19
N TYR B 199 1.09 11.31 29.07
CA TYR B 199 1.64 11.23 30.41
C TYR B 199 3.10 10.79 30.39
N GLY B 200 3.38 9.67 29.73
CA GLY B 200 4.71 9.09 29.76
C GLY B 200 5.79 9.99 29.19
N SER B 201 5.44 10.84 28.23
CA SER B 201 6.41 11.73 27.62
C SER B 201 6.61 13.02 28.40
N GLY B 202 5.88 13.20 29.51
CA GLY B 202 5.92 14.45 30.24
C GLY B 202 5.18 15.60 29.60
N LYS B 203 4.69 15.42 28.36
CA LYS B 203 3.97 16.48 27.65
C LYS B 203 2.71 16.89 28.38
N LEU B 204 2.02 15.92 29.02
CA LEU B 204 0.78 16.23 29.73
C LEU B 204 1.06 17.08 30.97
N GLN B 205 2.06 16.68 31.76
CA GLN B 205 2.44 17.44 32.94
C GLN B 205 2.84 18.86 32.57
N GLU B 206 3.54 19.04 31.44
CA GLU B 206 3.89 20.39 31.02
C GLU B 206 2.65 21.17 30.62
N LEU B 207 1.76 20.57 29.82
CA LEU B 207 0.56 21.29 29.39
C LEU B 207 -0.28 21.75 30.57
N VAL B 208 -0.37 20.94 31.62
CA VAL B 208 -1.15 21.34 32.80
C VAL B 208 -0.41 22.39 33.61
N GLU B 209 0.87 22.14 33.91
CA GLU B 209 1.70 23.13 34.59
C GLU B 209 1.79 24.45 33.82
N GLN B 210 1.44 24.46 32.52
CA GLN B 210 1.43 25.68 31.74
C GLN B 210 0.08 26.36 31.71
N GLY B 211 -0.97 25.67 32.13
CA GLY B 211 -2.30 26.25 32.20
C GLY B 211 -3.27 25.81 31.14
N TYR B 212 -2.98 24.76 30.38
CA TYR B 212 -3.91 24.27 29.38
C TYR B 212 -4.92 23.32 30.03
N ARG B 213 -6.20 23.57 29.77
CA ARG B 213 -7.28 22.89 30.46
C ARG B 213 -8.10 21.94 29.59
N TYR B 214 -8.05 22.08 28.27
CA TYR B 214 -8.82 21.22 27.39
C TYR B 214 -7.97 20.74 26.22
N MET B 215 -8.09 19.46 25.92
CA MET B 215 -7.56 18.86 24.72
C MET B 215 -8.71 18.38 23.85
N PHE B 216 -8.70 18.74 22.57
CA PHE B 216 -9.65 18.22 21.59
C PHE B 216 -8.89 17.25 20.69
N VAL B 217 -9.27 15.98 20.76
CA VAL B 217 -8.58 14.90 20.06
C VAL B 217 -9.46 14.42 18.91
N SER B 218 -8.82 14.09 17.79
CA SER B 218 -9.55 13.66 16.60
C SER B 218 -8.58 13.06 15.60
N ASN B 219 -9.13 12.27 14.68
CA ASN B 219 -8.33 11.67 13.62
C ASN B 219 -7.82 12.74 12.65
N GLY B 220 -6.63 12.47 12.09
CA GLY B 220 -6.12 13.33 11.04
C GLY B 220 -6.83 13.17 9.71
N ASP B 221 -7.53 12.05 9.52
CA ASP B 221 -8.26 11.80 8.27
C ASP B 221 -9.71 12.28 8.33
N ASN B 222 -10.12 12.95 9.40
CA ASN B 222 -11.49 13.43 9.55
C ASN B 222 -11.53 14.93 9.31
N LEU B 223 -12.12 15.32 8.18
CA LEU B 223 -12.16 16.73 7.78
C LEU B 223 -13.18 17.54 8.57
N GLY B 224 -14.26 16.92 9.03
CA GLY B 224 -15.27 17.63 9.77
C GLY B 224 -14.99 17.78 11.24
N ALA B 225 -13.89 17.21 11.72
CA ALA B 225 -13.53 17.23 13.14
C ALA B 225 -12.83 18.56 13.44
N THR B 226 -13.64 19.59 13.67
CA THR B 226 -13.15 20.94 13.94
C THR B 226 -13.53 21.37 15.36
N ILE B 227 -12.88 22.44 15.80
CA ILE B 227 -13.23 23.06 17.07
C ILE B 227 -14.59 23.72 16.95
N ASP B 228 -15.50 23.38 17.86
CA ASP B 228 -16.76 24.07 18.03
C ASP B 228 -16.75 24.65 19.44
N LYS B 229 -16.94 25.97 19.55
CA LYS B 229 -16.97 26.59 20.88
C LYS B 229 -18.19 26.16 21.67
N ARG B 230 -19.26 25.73 21.00
CA ARG B 230 -20.44 25.24 21.69
C ARG B 230 -20.12 24.04 22.58
N VAL B 231 -19.24 23.14 22.11
CA VAL B 231 -18.89 21.97 22.91
C VAL B 231 -18.17 22.36 24.18
N LEU B 232 -17.27 23.36 24.11
CA LEU B 232 -16.56 23.83 25.29
C LEU B 232 -17.52 24.50 26.27
N ALA B 233 -18.39 25.39 25.77
CA ALA B 233 -19.38 25.99 26.63
C ALA B 233 -20.23 24.94 27.33
N TYR B 234 -20.58 23.86 26.62
CA TYR B 234 -21.36 22.78 27.20
C TYR B 234 -20.57 22.06 28.28
N MET B 235 -19.31 21.72 28.01
CA MET B 235 -18.50 21.03 29.00
C MET B 235 -18.33 21.87 30.25
N GLU B 236 -18.19 23.19 30.09
CA GLU B 236 -18.03 24.06 31.25
C GLU B 236 -19.33 24.14 32.04
N LYS B 237 -20.45 24.33 31.35
CA LYS B 237 -21.73 24.45 32.05
C LYS B 237 -22.10 23.15 32.73
N GLU B 238 -21.75 22.01 32.14
CA GLU B 238 -22.17 20.70 32.63
C GLU B 238 -21.14 20.03 33.51
N LYS B 239 -19.99 20.67 33.76
CA LYS B 239 -18.97 20.12 34.64
C LYS B 239 -18.49 18.76 34.13
N ILE B 240 -18.17 18.70 32.84
CA ILE B 240 -17.82 17.46 32.15
C ILE B 240 -16.32 17.39 31.95
N ASP B 241 -15.71 16.25 32.30
CA ASP B 241 -14.28 16.07 32.17
C ASP B 241 -13.88 15.25 30.95
N PHE B 242 -14.84 14.60 30.29
CA PHE B 242 -14.57 13.78 29.12
C PHE B 242 -15.85 13.73 28.31
N LEU B 243 -15.91 14.49 27.22
CA LEU B 243 -17.08 14.52 26.35
C LEU B 243 -16.73 13.83 25.04
N MET B 244 -17.40 12.73 24.75
CA MET B 244 -17.21 12.02 23.50
C MET B 244 -18.30 12.44 22.51
N GLU B 245 -17.90 12.75 21.30
CA GLU B 245 -18.86 13.01 20.24
C GLU B 245 -19.32 11.69 19.64
N VAL B 246 -20.63 11.54 19.47
CA VAL B 246 -21.17 10.31 18.90
C VAL B 246 -22.19 10.66 17.83
N CYS B 247 -22.43 9.70 16.95
CA CYS B 247 -23.36 9.86 15.85
C CYS B 247 -24.46 8.80 15.92
N ARG B 248 -25.64 9.18 15.45
CA ARG B 248 -26.73 8.22 15.30
C ARG B 248 -26.29 7.13 14.33
N ARG B 249 -26.41 5.87 14.74
CA ARG B 249 -25.96 4.77 13.89
C ARG B 249 -26.88 4.62 12.68
N THR B 250 -26.29 4.27 11.54
CA THR B 250 -27.03 3.90 10.35
C THR B 250 -26.80 2.43 10.03
N GLU B 251 -27.53 1.95 9.02
CA GLU B 251 -27.44 0.54 8.63
C GLU B 251 -26.02 0.16 8.22
N SER B 252 -25.28 1.09 7.63
CA SER B 252 -23.90 0.83 7.24
C SER B 252 -22.93 0.82 8.41
N ASP B 253 -23.38 1.13 9.63
CA ASP B 253 -22.52 1.15 10.79
C ASP B 253 -22.80 0.00 11.76
N LYS B 254 -23.46 -1.06 11.27
CA LYS B 254 -23.81 -2.19 12.13
C LYS B 254 -22.59 -2.79 12.81
N LYS B 255 -21.47 -2.87 12.10
CA LYS B 255 -20.27 -3.52 12.64
C LYS B 255 -19.40 -2.58 13.47
N GLY B 256 -19.63 -1.27 13.38
CA GLY B 256 -18.86 -0.35 14.18
C GLY B 256 -19.27 -0.38 15.64
N GLY B 257 -18.33 -0.03 16.51
CA GLY B 257 -18.58 -0.10 17.94
C GLY B 257 -19.58 0.96 18.39
N HIS B 258 -20.46 0.56 19.30
CA HIS B 258 -21.52 1.42 19.79
C HIS B 258 -21.32 1.77 21.26
N LEU B 259 -22.10 2.76 21.70
CA LEU B 259 -22.11 3.25 23.06
C LEU B 259 -23.22 2.58 23.88
N ALA B 260 -22.96 2.42 25.17
CA ALA B 260 -23.94 1.90 26.11
C ALA B 260 -23.59 2.45 27.50
N ARG B 261 -24.39 2.05 28.50
CA ARG B 261 -24.11 2.37 29.88
C ARG B 261 -24.20 1.11 30.73
N GLN B 262 -23.36 1.05 31.77
CA GLN B 262 -23.35 -0.02 32.75
C GLN B 262 -23.50 0.58 34.14
N THR B 263 -23.98 -0.24 35.07
CA THR B 263 -24.13 0.17 36.47
C THR B 263 -22.97 -0.40 37.28
N VAL B 264 -22.38 0.41 38.13
CA VAL B 264 -21.24 -0.01 38.89
C VAL B 264 -21.39 0.16 40.36
N TYR B 265 -20.54 -0.51 41.06
CA TYR B 265 -20.56 -0.48 42.46
C TYR B 265 -19.46 0.37 43.01
N VAL B 266 -19.84 1.25 43.92
CA VAL B 266 -18.89 2.09 44.61
C VAL B 266 -19.13 1.79 46.07
N LYS B 267 -18.11 1.41 46.82
CA LYS B 267 -18.33 1.12 48.22
C LYS B 267 -18.50 2.44 48.92
N GLY B 268 -19.63 2.61 49.60
CA GLY B 268 -19.92 3.84 50.30
C GLY B 268 -19.00 4.04 51.49
N LYS B 269 -18.80 5.29 51.89
CA LYS B 269 -17.94 5.54 53.00
C LYS B 269 -18.57 6.01 54.28
N ASP B 270 -18.16 5.32 55.33
CA ASP B 270 -18.59 5.54 56.68
C ASP B 270 -20.05 5.66 56.84
N GLY B 271 -20.75 4.58 56.54
CA GLY B 271 -22.17 4.48 56.74
C GLY B 271 -23.00 5.06 55.64
N GLN B 272 -22.36 5.52 54.58
CA GLN B 272 -23.08 6.07 53.48
C GLN B 272 -23.38 4.84 52.68
N PRO B 273 -24.67 4.68 52.42
CA PRO B 273 -25.17 3.49 51.75
C PRO B 273 -24.47 3.33 50.47
N ASP B 274 -23.95 2.13 50.26
CA ASP B 274 -23.15 1.82 49.13
C ASP B 274 -23.97 2.12 47.94
N ALA B 275 -23.42 2.92 47.06
CA ALA B 275 -24.16 3.32 45.91
C ALA B 275 -23.77 2.75 44.58
N GLU B 276 -24.68 2.96 43.65
CA GLU B 276 -24.53 2.53 42.30
C GLU B 276 -24.39 3.76 41.41
N LYS B 277 -23.39 3.74 40.57
CA LYS B 277 -23.06 4.81 39.63
C LYS B 277 -23.39 4.39 38.21
N ARG B 278 -23.78 5.36 37.38
CA ARG B 278 -24.03 5.13 35.96
C ARG B 278 -22.81 5.52 35.16
N VAL B 279 -22.32 4.60 34.33
CA VAL B 279 -21.12 4.83 33.55
C VAL B 279 -21.42 4.57 32.08
N LEU B 280 -20.75 5.32 31.21
CA LEU B 280 -20.78 5.08 29.78
C LEU B 280 -19.60 4.22 29.34
N LEU B 281 -19.78 3.52 28.23
CA LEU B 281 -18.67 2.85 27.57
C LEU B 281 -19.07 2.62 26.12
N LEU B 282 -18.10 2.21 25.31
CA LEU B 282 -18.39 1.63 24.01
C LEU B 282 -17.87 0.21 24.00
N ARG B 283 -18.49 -0.63 23.16
CA ARG B 283 -17.94 -1.96 22.94
C ARG B 283 -17.73 -2.17 21.46
N GLU B 284 -16.50 -2.57 21.10
CA GLU B 284 -16.18 -2.91 19.73
C GLU B 284 -16.88 -4.20 19.34
N SER B 285 -16.68 -4.61 18.08
CA SER B 285 -17.22 -5.89 17.64
C SER B 285 -16.50 -7.07 18.26
N ALA B 286 -15.25 -6.88 18.70
CA ALA B 286 -14.51 -7.96 19.35
C ALA B 286 -15.14 -8.33 20.69
N GLN B 287 -15.47 -7.33 21.50
CA GLN B 287 -16.01 -7.56 22.84
C GLN B 287 -17.43 -8.09 22.83
N CYS B 288 -18.07 -8.22 21.68
CA CYS B 288 -19.46 -8.64 21.63
C CYS B 288 -19.53 -10.16 21.49
N PRO B 289 -20.07 -10.88 22.48
CA PRO B 289 -20.16 -12.33 22.36
C PRO B 289 -21.14 -12.76 21.29
N LYS B 290 -20.98 -14.02 20.86
CA LYS B 290 -21.76 -14.57 19.75
C LYS B 290 -23.25 -14.59 20.05
N ALA B 291 -23.64 -14.79 21.31
CA ALA B 291 -25.06 -14.77 21.65
C ALA B 291 -25.68 -13.39 21.51
N ASP B 292 -24.87 -12.34 21.38
CA ASP B 292 -25.33 -10.96 21.48
C ASP B 292 -25.10 -10.16 20.20
N MET B 293 -24.90 -10.82 19.06
CA MET B 293 -24.48 -10.10 17.86
C MET B 293 -25.63 -9.54 17.04
N GLU B 294 -26.87 -9.99 17.24
CA GLU B 294 -27.98 -9.30 16.59
C GLU B 294 -28.47 -8.10 17.38
N SER B 295 -28.32 -8.12 18.71
CA SER B 295 -28.57 -6.92 19.49
C SER B 295 -27.48 -5.88 19.24
N PHE B 296 -26.24 -6.32 19.07
CA PHE B 296 -25.16 -5.40 18.71
C PHE B 296 -25.46 -4.65 17.42
N GLN B 297 -26.12 -5.31 16.48
CA GLN B 297 -26.40 -4.73 15.17
C GLN B 297 -27.83 -4.23 15.05
N ASP B 298 -28.59 -4.23 16.15
CA ASP B 298 -29.89 -3.57 16.18
C ASP B 298 -29.62 -2.10 16.48
N ILE B 299 -29.45 -1.32 15.42
CA ILE B 299 -29.14 0.10 15.58
C ILE B 299 -30.32 0.89 16.12
N ASN B 300 -31.52 0.29 16.15
CA ASN B 300 -32.65 0.89 16.84
C ASN B 300 -32.56 0.76 18.35
N LYS B 301 -31.82 -0.21 18.87
CA LYS B 301 -31.62 -0.35 20.32
C LYS B 301 -30.40 0.45 20.76
N TYR B 302 -29.21 0.05 20.30
CA TYR B 302 -28.00 0.83 20.47
C TYR B 302 -27.84 1.74 19.25
N SER B 303 -27.98 3.05 19.47
CA SER B 303 -28.22 3.99 18.39
C SER B 303 -27.04 4.92 18.08
N PHE B 304 -25.96 4.89 18.85
CA PHE B 304 -24.89 5.86 18.68
C PHE B 304 -23.55 5.14 18.56
N PHE B 305 -22.60 5.79 17.89
CA PHE B 305 -21.25 5.26 17.79
C PHE B 305 -20.25 6.38 17.96
N ASN B 306 -19.03 5.97 18.33
CA ASN B 306 -17.93 6.89 18.58
C ASN B 306 -17.43 7.49 17.27
N THR B 307 -17.22 8.80 17.27
CA THR B 307 -16.60 9.49 16.14
C THR B 307 -15.10 9.69 16.33
N ASN B 308 -14.58 9.38 17.52
CA ASN B 308 -13.23 9.72 17.96
C ASN B 308 -12.99 11.22 17.93
N ASN B 309 -14.05 12.01 17.99
CA ASN B 309 -13.93 13.41 18.34
C ASN B 309 -14.14 13.49 19.84
N LEU B 310 -13.05 13.55 20.59
CA LEU B 310 -13.08 13.55 22.04
C LEU B 310 -12.62 14.90 22.58
N TRP B 311 -13.12 15.24 23.77
CA TRP B 311 -12.69 16.44 24.48
C TRP B 311 -12.39 16.07 25.92
N ILE B 312 -11.17 16.31 26.35
CA ILE B 312 -10.69 15.85 27.65
C ILE B 312 -10.19 17.04 28.44
N ARG B 313 -10.51 17.08 29.73
CA ARG B 313 -10.00 18.10 30.62
C ARG B 313 -8.65 17.63 31.17
N LEU B 314 -7.58 18.24 30.69
CA LEU B 314 -6.22 17.79 30.98
C LEU B 314 -5.89 17.66 32.47
N PRO B 315 -6.23 18.61 33.34
CA PRO B 315 -5.87 18.43 34.76
C PRO B 315 -6.52 17.21 35.39
N VAL B 316 -7.77 16.92 35.01
CA VAL B 316 -8.46 15.74 35.51
C VAL B 316 -7.82 14.47 34.96
N LEU B 317 -7.37 14.51 33.70
CA LEU B 317 -6.70 13.36 33.12
C LEU B 317 -5.42 13.04 33.87
N LEU B 318 -4.58 14.06 34.10
CA LEU B 318 -3.36 13.85 34.88
C LEU B 318 -3.68 13.35 36.28
N GLU B 319 -4.73 13.88 36.90
CA GLU B 319 -5.09 13.44 38.25
C GLU B 319 -5.41 11.96 38.27
N THR B 320 -6.36 11.53 37.43
CA THR B 320 -6.77 10.14 37.41
C THR B 320 -5.61 9.21 37.06
N MET B 321 -4.75 9.63 36.12
CA MET B 321 -3.60 8.79 35.77
C MET B 321 -2.66 8.63 36.95
N GLN B 322 -2.34 9.74 37.62
CA GLN B 322 -1.49 9.67 38.82
C GLN B 322 -2.11 8.74 39.86
N GLU B 323 -3.39 8.92 40.17
CA GLU B 323 -4.01 8.08 41.17
C GLU B 323 -4.14 6.63 40.73
N HIS B 324 -3.90 6.32 39.46
CA HIS B 324 -3.80 4.94 38.99
C HIS B 324 -2.35 4.53 38.69
N GLY B 325 -1.39 5.09 39.42
CA GLY B 325 -0.01 4.70 39.26
C GLY B 325 0.71 5.25 38.05
N GLY B 326 0.15 6.27 37.40
CA GLY B 326 0.75 6.84 36.21
C GLY B 326 0.29 6.11 34.97
N THR B 327 -1.00 5.75 34.93
CA THR B 327 -1.53 4.82 33.95
C THR B 327 -3.03 5.03 33.83
N LEU B 328 -3.54 5.02 32.60
CA LEU B 328 -4.97 4.99 32.37
C LEU B 328 -5.34 3.57 31.94
N PRO B 329 -5.97 2.77 32.81
CA PRO B 329 -6.20 1.35 32.48
C PRO B 329 -7.44 1.18 31.62
N LEU B 330 -7.23 0.88 30.37
CA LEU B 330 -8.33 0.68 29.45
C LEU B 330 -8.54 -0.80 29.18
N PRO B 331 -9.77 -1.24 28.93
CA PRO B 331 -10.00 -2.65 28.62
C PRO B 331 -9.17 -3.08 27.43
N VAL B 332 -8.47 -4.20 27.60
CA VAL B 332 -7.52 -4.66 26.61
C VAL B 332 -8.27 -5.38 25.49
N ILE B 333 -8.02 -4.96 24.25
CA ILE B 333 -8.42 -5.74 23.09
C ILE B 333 -7.25 -6.63 22.71
N ARG B 334 -7.51 -7.94 22.69
CA ARG B 334 -6.49 -8.96 22.54
C ARG B 334 -6.56 -9.43 21.08
N ASN B 335 -5.89 -8.67 20.22
CA ASN B 335 -6.00 -8.86 18.78
C ASN B 335 -5.03 -9.95 18.34
N GLU B 336 -5.56 -11.06 17.83
CA GLU B 336 -4.77 -12.23 17.49
C GLU B 336 -4.28 -12.15 16.05
N LYS B 337 -2.96 -12.18 15.87
CA LYS B 337 -2.35 -12.10 14.55
C LYS B 337 -1.21 -13.11 14.51
N THR B 338 -0.35 -13.00 13.50
CA THR B 338 0.95 -13.66 13.49
C THR B 338 2.03 -12.59 13.51
N VAL B 339 3.26 -12.99 13.87
CA VAL B 339 4.35 -12.02 13.96
C VAL B 339 4.50 -11.28 12.65
N ASP B 340 4.45 -12.02 11.54
CA ASP B 340 4.46 -11.46 10.20
C ASP B 340 3.07 -11.67 9.63
N SER B 341 2.37 -10.58 9.31
CA SER B 341 1.02 -10.75 8.79
C SER B 341 1.02 -11.55 7.49
N SER B 342 2.04 -11.34 6.64
CA SER B 342 2.09 -12.00 5.35
C SER B 342 2.44 -13.48 5.45
N ASN B 343 3.27 -13.85 6.42
CA ASN B 343 3.75 -15.23 6.56
C ASN B 343 2.78 -15.97 7.49
N SER B 344 1.89 -16.75 6.90
CA SER B 344 0.90 -17.47 7.69
C SER B 344 1.51 -18.60 8.52
N ALA B 345 2.72 -19.04 8.17
CA ALA B 345 3.44 -20.06 8.95
C ALA B 345 4.43 -19.43 9.92
N SER B 346 4.10 -18.25 10.43
CA SER B 346 4.80 -17.49 11.46
C SER B 346 4.20 -17.82 12.81
N PRO B 347 4.94 -17.60 13.90
CA PRO B 347 4.35 -17.80 15.24
C PRO B 347 3.08 -16.99 15.42
N LYS B 348 2.11 -17.58 16.11
CA LYS B 348 0.89 -16.86 16.46
C LYS B 348 1.18 -15.92 17.61
N VAL B 349 0.75 -14.66 17.50
CA VAL B 349 1.04 -13.66 18.50
C VAL B 349 -0.23 -12.91 18.88
N TYR B 350 -0.16 -12.27 20.04
CA TYR B 350 -1.17 -11.35 20.54
C TYR B 350 -0.65 -9.93 20.41
N GLN B 351 -1.47 -9.05 19.85
CA GLN B 351 -1.24 -7.61 19.89
C GLN B 351 -2.25 -7.02 20.87
N LEU B 352 -1.76 -6.53 22.00
CA LEU B 352 -2.60 -5.83 22.96
C LEU B 352 -2.81 -4.41 22.47
N GLU B 353 -4.06 -4.01 22.29
CA GLU B 353 -4.36 -2.65 21.86
C GLU B 353 -5.64 -2.17 22.53
N THR B 354 -5.71 -0.85 22.76
CA THR B 354 -6.83 -0.23 23.44
C THR B 354 -7.42 0.89 22.59
N ALA B 355 -8.72 1.09 22.76
CA ALA B 355 -9.42 2.19 22.11
C ALA B 355 -9.39 3.42 23.00
N MET B 356 -9.11 4.58 22.41
CA MET B 356 -9.02 5.80 23.22
C MET B 356 -10.39 6.29 23.67
N GLY B 357 -11.46 5.88 22.99
CA GLY B 357 -12.80 6.18 23.48
C GLY B 357 -13.21 5.35 24.69
N ALA B 358 -12.57 4.21 24.92
CA ALA B 358 -12.84 3.42 26.11
C ALA B 358 -12.62 4.24 27.38
N ALA B 359 -11.74 5.23 27.33
CA ALA B 359 -11.46 6.11 28.45
C ALA B 359 -12.71 6.84 28.95
N ILE B 360 -13.80 6.78 28.17
CA ILE B 360 -15.04 7.38 28.65
C ILE B 360 -15.49 6.74 29.95
N ALA B 361 -15.14 5.47 30.17
CA ALA B 361 -15.50 4.79 31.41
C ALA B 361 -14.61 5.18 32.59
N MET B 362 -13.51 5.89 32.34
CA MET B 362 -12.52 6.19 33.36
C MET B 362 -12.81 7.48 34.14
N PHE B 363 -13.89 8.19 33.81
CA PHE B 363 -14.13 9.50 34.42
C PHE B 363 -15.52 9.53 35.03
N GLU B 364 -15.60 10.10 36.24
CA GLU B 364 -16.84 10.13 36.99
C GLU B 364 -17.82 11.14 36.44
N SER B 365 -17.33 12.20 35.78
CA SER B 365 -18.16 13.16 35.07
C SER B 365 -17.74 13.11 33.60
N ALA B 366 -18.27 12.13 32.88
CA ALA B 366 -18.03 11.99 31.45
C ALA B 366 -19.37 11.84 30.75
N SER B 367 -19.49 12.49 29.59
CA SER B 367 -20.74 12.49 28.85
C SER B 367 -20.46 12.28 27.38
N ALA B 368 -21.53 12.11 26.62
CA ALA B 368 -21.48 12.01 25.17
C ALA B 368 -22.43 13.04 24.59
N ILE B 369 -22.24 13.36 23.31
CA ILE B 369 -23.03 14.42 22.69
C ILE B 369 -23.31 14.03 21.24
N VAL B 370 -24.57 14.16 20.83
CA VAL B 370 -24.96 13.77 19.48
C VAL B 370 -24.53 14.85 18.50
N VAL B 371 -23.85 14.44 17.43
CA VAL B 371 -23.37 15.37 16.42
C VAL B 371 -23.86 14.88 15.06
N PRO B 372 -23.96 15.77 14.07
CA PRO B 372 -24.28 15.33 12.71
C PRO B 372 -23.09 14.62 12.08
N ARG B 373 -23.40 13.79 11.07
CA ARG B 373 -22.35 13.12 10.31
C ARG B 373 -21.33 14.10 9.75
N SER B 374 -21.66 15.40 9.72
CA SER B 374 -20.72 16.42 9.26
C SER B 374 -19.40 16.36 10.01
N ARG B 375 -19.46 16.05 11.31
CA ARG B 375 -18.26 16.03 12.13
C ARG B 375 -17.56 14.68 12.12
N PHE B 376 -18.20 13.64 11.58
CA PHE B 376 -17.54 12.38 11.29
C PHE B 376 -17.57 12.20 9.78
N ALA B 377 -16.53 12.70 9.12
CA ALA B 377 -16.40 12.60 7.66
C ALA B 377 -15.00 12.11 7.34
N PRO B 378 -14.70 10.84 7.57
CA PRO B 378 -13.39 10.29 7.19
C PRO B 378 -13.38 9.78 5.76
N VAL B 379 -12.23 9.90 5.13
CA VAL B 379 -12.04 9.52 3.74
C VAL B 379 -11.34 8.16 3.72
N LYS B 380 -12.10 7.10 3.40
CA LYS B 380 -11.55 5.77 3.22
C LYS B 380 -11.44 5.42 1.75
N THR B 381 -12.54 5.46 1.01
CA THR B 381 -12.56 5.09 -0.39
C THR B 381 -12.38 6.31 -1.29
N CYS B 382 -11.85 6.06 -2.49
CA CYS B 382 -11.50 7.14 -3.39
C CYS B 382 -12.72 7.85 -3.98
N ALA B 383 -13.89 7.21 -3.93
CA ALA B 383 -15.11 7.91 -4.32
C ALA B 383 -15.34 9.13 -3.43
N ASP B 384 -15.05 8.99 -2.13
CA ASP B 384 -15.11 10.13 -1.23
C ASP B 384 -14.11 11.20 -1.63
N LEU B 385 -12.91 10.80 -2.04
CA LEU B 385 -11.90 11.78 -2.42
C LEU B 385 -12.29 12.50 -3.70
N LEU B 386 -13.01 11.84 -4.61
CA LEU B 386 -13.47 12.50 -5.82
C LEU B 386 -14.62 13.47 -5.52
N ALA B 387 -15.65 12.97 -4.84
CA ALA B 387 -16.76 13.85 -4.44
C ALA B 387 -16.25 15.06 -3.67
N LEU B 388 -15.27 14.83 -2.79
CA LEU B 388 -14.67 15.90 -2.03
C LEU B 388 -13.93 16.88 -2.93
N ARG B 389 -12.99 16.39 -3.74
CA ARG B 389 -12.12 17.23 -4.56
C ARG B 389 -12.88 18.10 -5.56
N SER B 390 -14.20 17.99 -5.59
CA SER B 390 -15.00 18.53 -6.67
C SER B 390 -15.70 19.84 -6.26
N ASP B 391 -16.54 20.33 -7.17
CA ASP B 391 -17.37 21.49 -6.92
C ASP B 391 -18.36 21.25 -5.79
N ALA B 392 -18.61 19.99 -5.44
CA ALA B 392 -19.66 19.66 -4.48
C ALA B 392 -19.37 20.17 -3.08
N TYR B 393 -18.13 20.53 -2.78
CA TYR B 393 -17.75 21.06 -1.49
C TYR B 393 -17.08 22.42 -1.66
N VAL B 394 -17.24 23.28 -0.65
CA VAL B 394 -16.63 24.60 -0.66
C VAL B 394 -15.87 24.81 0.63
N VAL B 395 -14.87 25.68 0.58
CA VAL B 395 -14.10 26.06 1.74
C VAL B 395 -14.59 27.42 2.22
N THR B 396 -14.91 27.50 3.51
CA THR B 396 -15.33 28.74 4.14
C THR B 396 -14.11 29.57 4.51
N ASP B 397 -14.37 30.78 5.02
CA ASP B 397 -13.27 31.61 5.51
C ASP B 397 -12.66 31.03 6.79
N ASP B 398 -13.44 30.26 7.55
CA ASP B 398 -12.89 29.55 8.69
C ASP B 398 -11.87 28.50 8.29
N PHE B 399 -11.77 28.19 6.99
CA PHE B 399 -11.00 27.09 6.45
C PHE B 399 -11.58 25.73 6.80
N ARG B 400 -12.86 25.71 7.18
CA ARG B 400 -13.60 24.47 7.25
C ARG B 400 -14.10 24.10 5.86
N LEU B 401 -14.57 22.86 5.70
CA LEU B 401 -15.00 22.34 4.40
C LEU B 401 -16.50 22.07 4.45
N TRP B 402 -17.30 23.05 4.07
CA TRP B 402 -18.75 22.92 4.15
C TRP B 402 -19.30 22.36 2.85
N LEU B 403 -20.36 21.56 2.99
CA LEU B 403 -21.04 21.01 1.83
C LEU B 403 -21.88 22.09 1.16
N ASP B 404 -21.85 22.11 -0.17
CA ASP B 404 -22.52 23.18 -0.92
C ASP B 404 -24.00 23.21 -0.61
N ASP B 405 -24.51 24.41 -0.28
CA ASP B 405 -25.93 24.60 -0.03
C ASP B 405 -26.78 24.37 -1.27
N ARG B 406 -26.16 24.25 -2.44
CA ARG B 406 -26.89 23.88 -3.65
C ARG B 406 -27.25 22.40 -3.67
N CYS B 407 -26.46 21.55 -3.00
CA CYS B 407 -26.70 20.12 -2.97
C CYS B 407 -27.83 19.72 -2.03
N HIS B 408 -28.30 20.64 -1.21
CA HIS B 408 -29.39 20.38 -0.25
C HIS B 408 -29.03 19.24 0.70
N GLY B 409 -27.79 19.25 1.18
CA GLY B 409 -27.39 18.40 2.27
C GLY B 409 -26.89 17.01 1.90
N HIS B 410 -26.99 16.61 0.64
CA HIS B 410 -26.53 15.30 0.23
C HIS B 410 -25.45 15.44 -0.82
N PRO B 411 -24.29 14.81 -0.64
CA PRO B 411 -23.23 14.86 -1.64
C PRO B 411 -23.50 13.89 -2.77
N PRO B 412 -22.93 14.13 -3.95
CA PRO B 412 -23.17 13.25 -5.10
C PRO B 412 -22.84 11.79 -4.80
N VAL B 413 -23.73 10.90 -5.19
CA VAL B 413 -23.49 9.46 -5.07
C VAL B 413 -22.40 9.07 -6.05
N VAL B 414 -21.16 9.10 -5.57
CA VAL B 414 -20.01 8.77 -6.41
C VAL B 414 -19.71 7.29 -6.20
N ASP B 415 -19.68 6.54 -7.30
CA ASP B 415 -19.32 5.12 -7.28
C ASP B 415 -18.33 4.88 -8.41
N LEU B 416 -17.08 4.62 -8.06
CA LEU B 416 -16.06 4.29 -9.05
C LEU B 416 -15.97 2.79 -9.22
N ASP B 417 -15.55 2.36 -10.41
CA ASP B 417 -15.44 0.93 -10.69
C ASP B 417 -14.43 0.29 -9.75
N SER B 418 -14.88 -0.75 -9.03
CA SER B 418 -14.07 -1.32 -7.96
C SER B 418 -12.76 -1.90 -8.48
N ALA B 419 -12.75 -2.44 -9.70
CA ALA B 419 -11.53 -3.04 -10.22
C ALA B 419 -10.55 -1.98 -10.70
N HIS B 420 -11.03 -0.95 -11.37
CA HIS B 420 -10.13 0.01 -12.03
C HIS B 420 -9.61 1.07 -11.06
N TYR B 421 -10.45 1.54 -10.11
CA TYR B 421 -10.14 2.74 -9.32
C TYR B 421 -10.35 2.47 -7.83
N LYS B 422 -9.51 1.63 -7.24
CA LYS B 422 -9.45 1.52 -5.79
C LYS B 422 -8.16 2.06 -5.21
N MET B 423 -7.03 1.82 -5.86
CA MET B 423 -5.78 2.41 -5.44
C MET B 423 -5.65 3.82 -6.01
N MET B 424 -4.84 4.64 -5.35
CA MET B 424 -4.63 6.00 -5.80
C MET B 424 -3.96 6.06 -7.16
N ASN B 425 -3.29 4.98 -7.57
CA ASN B 425 -2.62 4.96 -8.87
C ASN B 425 -3.62 5.02 -10.00
N GLY B 426 -4.69 4.22 -9.92
CA GLY B 426 -5.73 4.28 -10.94
C GLY B 426 -6.62 5.50 -10.81
N PHE B 427 -6.79 6.02 -9.60
CA PHE B 427 -7.60 7.21 -9.42
C PHE B 427 -6.91 8.45 -9.97
N GLU B 428 -5.58 8.52 -9.90
CA GLU B 428 -4.87 9.67 -10.46
C GLU B 428 -5.14 9.82 -11.95
N LYS B 429 -5.23 8.70 -12.68
CA LYS B 429 -5.49 8.75 -14.11
C LYS B 429 -6.93 9.13 -14.45
N LEU B 430 -7.84 9.05 -13.49
CA LEU B 430 -9.21 9.48 -13.73
C LEU B 430 -9.35 10.99 -13.78
N VAL B 431 -8.43 11.72 -13.15
CA VAL B 431 -8.49 13.18 -13.11
C VAL B 431 -7.22 13.74 -13.73
N GLN B 432 -6.83 13.19 -14.88
CA GLN B 432 -5.54 13.56 -15.49
C GLN B 432 -5.48 15.03 -15.83
N HIS B 433 -6.48 15.54 -16.53
CA HIS B 433 -6.51 16.95 -16.93
C HIS B 433 -7.40 17.81 -16.07
N GLY B 434 -8.46 17.24 -15.48
CA GLY B 434 -9.33 18.02 -14.62
C GLY B 434 -10.18 17.13 -13.75
N VAL B 435 -10.85 17.77 -12.80
CA VAL B 435 -11.79 17.12 -11.88
C VAL B 435 -13.18 17.64 -12.20
N PRO B 436 -14.20 16.77 -12.29
CA PRO B 436 -15.50 17.21 -12.80
C PRO B 436 -16.32 17.96 -11.77
N SER B 437 -16.94 19.05 -12.22
CA SER B 437 -17.90 19.76 -11.38
C SER B 437 -19.08 18.86 -11.07
N LEU B 438 -19.20 18.45 -9.81
CA LEU B 438 -20.29 17.59 -9.38
C LEU B 438 -21.29 18.34 -8.49
N VAL B 439 -21.43 19.65 -8.69
CA VAL B 439 -22.30 20.47 -7.85
C VAL B 439 -23.72 19.91 -7.85
N GLU B 440 -24.37 19.93 -9.00
CA GLU B 440 -25.75 19.49 -9.13
C GLU B 440 -25.81 18.11 -9.75
N CYS B 441 -25.36 17.12 -8.99
CA CYS B 441 -25.29 15.74 -9.46
C CYS B 441 -25.95 14.81 -8.46
N LYS B 442 -26.76 13.88 -8.97
CA LYS B 442 -27.34 12.84 -8.15
C LYS B 442 -26.45 11.61 -8.10
N ARG B 443 -26.00 11.13 -9.24
CA ARG B 443 -25.16 9.94 -9.31
C ARG B 443 -24.04 10.15 -10.32
N VAL B 444 -22.87 9.61 -9.99
CA VAL B 444 -21.76 9.50 -10.93
C VAL B 444 -21.17 8.11 -10.75
N THR B 445 -21.41 7.24 -11.73
CA THR B 445 -20.90 5.88 -11.69
C THR B 445 -20.13 5.59 -12.97
N VAL B 446 -19.03 4.84 -12.83
CA VAL B 446 -18.21 4.46 -13.97
C VAL B 446 -18.10 2.95 -14.00
N LYS B 447 -18.16 2.36 -15.21
CA LYS B 447 -18.05 0.94 -15.39
C LYS B 447 -16.90 0.52 -16.30
N GLY B 448 -16.06 1.47 -16.75
CA GLY B 448 -14.94 1.14 -17.61
C GLY B 448 -13.81 2.13 -17.43
N LEU B 449 -12.66 1.78 -18.00
CA LEU B 449 -11.49 2.65 -17.96
C LEU B 449 -11.79 3.97 -18.67
N VAL B 450 -11.77 5.08 -17.92
CA VAL B 450 -12.09 6.38 -18.46
C VAL B 450 -11.01 7.38 -18.05
N GLN B 451 -11.18 8.60 -18.56
CA GLN B 451 -10.38 9.75 -18.20
C GLN B 451 -11.31 10.95 -18.31
N PHE B 452 -10.86 12.10 -17.79
CA PHE B 452 -11.73 13.26 -17.73
C PHE B 452 -11.07 14.46 -18.38
N GLY B 453 -11.90 15.29 -19.02
CA GLY B 453 -11.42 16.49 -19.66
C GLY B 453 -11.14 17.61 -18.67
N ALA B 454 -10.55 18.68 -19.20
CA ALA B 454 -10.06 19.75 -18.34
C ALA B 454 -11.16 20.69 -17.86
N GLY B 455 -12.24 20.85 -18.62
CA GLY B 455 -13.29 21.79 -18.27
C GLY B 455 -14.66 21.18 -18.21
N ASN B 456 -14.75 19.98 -17.62
CA ASN B 456 -16.02 19.24 -17.60
C ASN B 456 -16.93 19.69 -16.49
N VAL B 457 -18.24 19.61 -16.75
CA VAL B 457 -19.26 19.74 -15.72
C VAL B 457 -20.26 18.59 -15.92
N LEU B 458 -20.90 18.18 -14.84
CA LEU B 458 -21.88 17.12 -14.87
C LEU B 458 -23.16 17.61 -14.20
N THR B 459 -24.29 17.06 -14.62
CA THR B 459 -25.59 17.51 -14.14
C THR B 459 -26.52 16.33 -13.97
N GLY B 460 -27.27 16.33 -12.85
CA GLY B 460 -28.28 15.34 -12.58
C GLY B 460 -27.71 13.95 -12.34
N THR B 461 -28.53 12.95 -12.63
CA THR B 461 -28.09 11.57 -12.60
C THR B 461 -27.24 11.27 -13.84
N VAL B 462 -26.38 10.26 -13.72
CA VAL B 462 -25.48 9.92 -14.82
C VAL B 462 -24.95 8.52 -14.61
N THR B 463 -24.68 7.84 -15.73
CA THR B 463 -23.89 6.62 -15.75
C THR B 463 -22.93 6.72 -16.93
N ILE B 464 -21.76 6.11 -16.80
CA ILE B 464 -20.76 6.09 -17.85
C ILE B 464 -20.11 4.72 -17.88
N GLU B 465 -20.06 4.10 -19.07
CA GLU B 465 -19.56 2.75 -19.20
C GLU B 465 -18.63 2.64 -20.40
N ASN B 466 -17.66 1.73 -20.28
CA ASN B 466 -16.66 1.39 -21.30
C ASN B 466 -16.22 -0.06 -21.20
N THR B 467 -17.07 -0.91 -21.75
CA THR B 467 -16.95 -2.38 -21.82
C THR B 467 -15.75 -2.95 -22.61
N ASP B 468 -15.42 -2.28 -23.72
CA ASP B 468 -14.36 -2.63 -24.67
C ASP B 468 -12.95 -2.64 -24.11
N SER B 469 -12.66 -1.63 -23.30
CA SER B 469 -11.36 -1.46 -22.66
C SER B 469 -10.03 -1.38 -23.41
N ALA B 470 -9.93 -0.56 -24.43
CA ALA B 470 -8.63 -0.46 -25.09
C ALA B 470 -7.83 0.47 -24.25
N SER B 471 -8.15 1.73 -24.43
CA SER B 471 -7.68 2.87 -23.67
C SER B 471 -9.12 3.38 -23.61
N ALA B 472 -9.69 3.38 -22.42
CA ALA B 472 -11.12 3.50 -22.31
C ALA B 472 -11.82 4.66 -22.93
N PHE B 473 -11.37 5.88 -22.71
CA PHE B 473 -12.11 7.01 -23.23
C PHE B 473 -11.35 8.25 -23.18
N VAL B 474 -11.78 9.18 -24.00
CA VAL B 474 -11.25 10.51 -23.95
C VAL B 474 -12.54 11.26 -23.74
N ILE B 475 -12.61 12.06 -22.68
CA ILE B 475 -13.85 12.75 -22.45
C ILE B 475 -13.72 14.10 -23.06
N PRO B 476 -14.75 14.50 -23.76
CA PRO B 476 -14.59 15.79 -24.43
C PRO B 476 -14.26 16.91 -23.45
N ASP B 477 -13.36 17.79 -23.88
CA ASP B 477 -13.04 18.98 -23.12
C ASP B 477 -14.12 20.03 -23.37
N GLY B 478 -14.60 20.65 -22.29
CA GLY B 478 -15.72 21.56 -22.40
C GLY B 478 -17.06 20.88 -22.55
N ALA B 479 -17.20 19.67 -22.01
CA ALA B 479 -18.41 18.89 -22.17
C ALA B 479 -19.40 19.18 -21.06
N LYS B 480 -20.69 19.19 -21.42
CA LYS B 480 -21.79 19.24 -20.47
C LYS B 480 -22.52 17.91 -20.53
N LEU B 481 -23.16 17.51 -19.44
CA LEU B 481 -23.84 16.23 -19.38
C LEU B 481 -25.32 16.42 -19.05
N ASN B 482 -26.16 15.84 -19.91
CA ASN B 482 -27.60 16.09 -19.98
C ASN B 482 -28.38 14.89 -19.47
N ASP B 483 -27.95 14.31 -18.35
CA ASP B 483 -28.42 13.03 -17.84
C ASP B 483 -28.18 11.89 -18.82
N THR B 484 -27.40 12.13 -19.88
CA THR B 484 -27.14 11.15 -20.92
C THR B 484 -25.97 10.26 -20.53
N THR B 485 -26.00 9.04 -21.04
CA THR B 485 -24.89 8.11 -20.89
C THR B 485 -23.80 8.44 -21.91
N ALA B 486 -22.55 8.13 -21.57
CA ALA B 486 -21.41 8.42 -22.42
C ALA B 486 -20.64 7.13 -22.67
N SER B 487 -20.54 6.73 -23.93
CA SER B 487 -19.86 5.49 -24.30
C SER B 487 -19.59 5.53 -25.80
N PRO B 488 -18.73 4.64 -26.31
CA PRO B 488 -18.53 4.43 -27.74
C PRO B 488 -19.10 3.09 -28.21
#